data_1TCV
#
_entry.id   1TCV
#
_cell.length_a   48.755
_cell.length_b   122.059
_cell.length_c   129.761
_cell.angle_alpha   90.00
_cell.angle_beta   90.00
_cell.angle_gamma   90.00
#
_symmetry.space_group_name_H-M   'P 21 21 21'
#
loop_
_entity.id
_entity.type
_entity.pdbx_description
1 polymer 'purine-nucleoside phosphorylase'
2 non-polymer 'ACETATE ION'
3 non-polymer 'ETHYL DIMETHYL AMMONIO PROPANE SULFONATE'
4 water water
#
_entity_poly.entity_id   1
_entity_poly.type   'polypeptide(L)'
_entity_poly.pdbx_seq_one_letter_code
;MHESVTANIENVKKVAHHIQKLTSIVPEIGIICGSGLGKLADGVKDKITIPYTKIPNFPQTSVVGHSGNLIFGTLSGRKV
VVMQGRFHMYEGYSNDTVALPIRVMKLLGVKILMVSNAAGGLNRSLKLGDFVILKDHIYLPGLGLNNILVGPNQEAFGTR
FPALSNAYDRDLRKLAVQVAEENGFGNLVHQGVYVMNGGPCYETPAECTMLLNMGCDVVGMSTIPEVVIARHCGIQVFAV
SLVTNISVLDVESDLKPNHEEVLATGAQRAELMQSWFEKIIEKLPKD
;
_entity_poly.pdbx_strand_id   A,B,C
#
# COMPACT_ATOMS: atom_id res chain seq x y z
N GLU A 3 10.85 12.44 9.05
CA GLU A 3 12.31 12.37 9.36
C GLU A 3 13.11 13.32 8.46
N SER A 4 14.19 13.88 9.00
CA SER A 4 15.10 14.76 8.26
C SER A 4 14.42 16.07 7.86
N VAL A 5 15.11 16.87 7.05
CA VAL A 5 14.61 18.18 6.65
C VAL A 5 13.73 18.07 5.40
N THR A 6 12.71 18.90 5.32
CA THR A 6 11.81 18.92 4.17
C THR A 6 12.61 19.20 2.90
N ALA A 7 12.32 18.47 1.83
CA ALA A 7 13.05 18.64 0.57
C ALA A 7 12.45 19.79 -0.25
N ASN A 8 12.35 20.96 0.37
CA ASN A 8 11.88 22.17 -0.29
C ASN A 8 13.03 22.93 -0.91
N ILE A 9 12.72 23.97 -1.67
CA ILE A 9 13.73 24.70 -2.41
C ILE A 9 14.76 25.35 -1.47
N GLU A 10 14.32 25.90 -0.35
CA GLU A 10 15.24 26.56 0.59
C GLU A 10 16.27 25.57 1.15
N ASN A 11 15.81 24.42 1.62
CA ASN A 11 16.69 23.42 2.21
C ASN A 11 17.63 22.75 1.20
N VAL A 12 17.09 22.44 0.02
CA VAL A 12 17.88 21.84 -1.05
C VAL A 12 18.94 22.83 -1.55
N LYS A 13 18.56 24.11 -1.71
CA LYS A 13 19.52 25.15 -2.11
C LYS A 13 20.67 25.24 -1.11
N LYS A 14 20.34 25.17 0.17
CA LYS A 14 21.34 25.27 1.23
C LYS A 14 22.36 24.15 1.11
N VAL A 15 21.88 22.93 0.87
CA VAL A 15 22.74 21.77 0.73
C VAL A 15 23.59 21.88 -0.53
N ALA A 16 22.97 22.28 -1.64
CA ALA A 16 23.66 22.41 -2.91
C ALA A 16 24.77 23.45 -2.81
N HIS A 17 24.47 24.57 -2.16
CA HIS A 17 25.45 25.66 -2.01
C HIS A 17 26.65 25.20 -1.18
N HIS A 18 26.39 24.40 -0.15
CA HIS A 18 27.46 23.83 0.67
C HIS A 18 28.38 22.97 -0.19
N ILE A 19 27.79 22.08 -0.99
CA ILE A 19 28.56 21.22 -1.87
C ILE A 19 29.40 22.03 -2.86
N GLN A 20 28.86 23.16 -3.33
CA GLN A 20 29.53 23.99 -4.33
C GLN A 20 30.74 24.73 -3.76
N LYS A 21 30.85 24.76 -2.44
CA LYS A 21 32.06 25.25 -1.76
C LYS A 21 33.13 24.17 -1.61
N LEU A 22 32.73 22.90 -1.69
CA LEU A 22 33.65 21.76 -1.57
C LEU A 22 34.15 21.24 -2.92
N THR A 23 33.45 21.60 -4.00
CA THR A 23 33.92 21.26 -5.34
C THR A 23 33.50 22.32 -6.34
N SER A 24 34.31 22.48 -7.38
CA SER A 24 34.02 23.39 -8.49
C SER A 24 33.49 22.64 -9.71
N ILE A 25 33.31 21.32 -9.57
CA ILE A 25 32.80 20.50 -10.67
C ILE A 25 31.29 20.62 -10.70
N VAL A 26 30.77 21.06 -11.85
CA VAL A 26 29.34 21.16 -12.08
C VAL A 26 28.93 19.91 -12.86
N PRO A 27 28.25 18.97 -12.20
CA PRO A 27 27.91 17.71 -12.85
C PRO A 27 26.74 17.86 -13.82
N GLU A 28 26.83 17.15 -14.93
CA GLU A 28 25.78 17.05 -15.93
C GLU A 28 25.02 15.74 -15.78
N ILE A 29 25.68 14.73 -15.25
CA ILE A 29 25.14 13.38 -15.10
C ILE A 29 25.30 12.94 -13.64
N GLY A 30 24.23 12.39 -13.08
CA GLY A 30 24.27 11.82 -11.76
C GLY A 30 24.19 10.30 -11.90
N ILE A 31 24.93 9.59 -11.06
CA ILE A 31 24.90 8.13 -11.10
C ILE A 31 24.65 7.63 -9.69
N ILE A 32 23.67 6.75 -9.54
CA ILE A 32 23.41 6.10 -8.27
C ILE A 32 23.81 4.64 -8.36
N CYS A 33 24.75 4.24 -7.50
CA CYS A 33 25.23 2.86 -7.44
C CYS A 33 24.30 2.02 -6.56
N GLY A 34 23.88 0.87 -7.05
CA GLY A 34 23.11 -0.06 -6.24
C GLY A 34 24.01 -0.90 -5.35
N SER A 35 23.43 -1.84 -4.61
CA SER A 35 24.21 -2.74 -3.75
C SER A 35 25.11 -3.66 -4.59
N GLY A 36 26.37 -3.76 -4.20
CA GLY A 36 27.37 -4.51 -4.93
C GLY A 36 27.82 -3.85 -6.23
N LEU A 37 27.43 -2.59 -6.44
CA LEU A 37 27.68 -1.89 -7.70
C LEU A 37 28.47 -0.59 -7.49
N GLY A 38 29.24 -0.53 -6.41
CA GLY A 38 30.09 0.62 -6.14
C GLY A 38 31.20 0.86 -7.16
N LYS A 39 31.47 -0.15 -7.99
CA LYS A 39 32.48 -0.04 -9.05
C LYS A 39 32.13 0.99 -10.14
N LEU A 40 30.89 1.47 -10.19
CA LEU A 40 30.50 2.45 -11.21
C LEU A 40 31.29 3.76 -11.10
N ALA A 41 31.90 4.00 -9.92
CA ALA A 41 32.68 5.21 -9.65
C ALA A 41 34.15 5.09 -9.97
N ASP A 42 34.64 3.88 -10.21
CA ASP A 42 36.09 3.60 -10.26
C ASP A 42 36.81 4.28 -11.43
N GLY A 43 36.10 4.51 -12.52
CA GLY A 43 36.68 5.14 -13.69
C GLY A 43 36.70 6.66 -13.63
N VAL A 44 36.12 7.25 -12.59
CA VAL A 44 35.97 8.70 -12.48
C VAL A 44 37.37 9.32 -12.43
N LYS A 45 37.62 10.21 -13.37
CA LYS A 45 38.91 10.86 -13.55
C LYS A 45 38.94 12.18 -12.76
N ASP A 46 40.12 12.55 -12.28
CA ASP A 46 40.31 13.81 -11.56
C ASP A 46 39.28 13.94 -10.45
N LYS A 47 39.11 12.87 -9.68
CA LYS A 47 38.02 12.78 -8.73
C LYS A 47 38.20 13.65 -7.50
N ILE A 48 37.04 14.06 -6.96
CA ILE A 48 36.90 14.80 -5.73
C ILE A 48 35.88 14.04 -4.90
N THR A 49 36.26 13.57 -3.72
CA THR A 49 35.37 12.78 -2.87
C THR A 49 34.88 13.62 -1.70
N ILE A 50 33.55 13.69 -1.55
CA ILE A 50 32.92 14.39 -0.46
C ILE A 50 32.09 13.40 0.35
N PRO A 51 32.57 13.03 1.54
CA PRO A 51 31.77 12.20 2.42
C PRO A 51 30.48 12.90 2.84
N TYR A 52 29.41 12.13 3.02
CA TYR A 52 28.12 12.71 3.38
C TYR A 52 28.21 13.47 4.70
N THR A 53 29.10 13.04 5.58
CA THR A 53 29.36 13.71 6.87
C THR A 53 29.80 15.17 6.73
N LYS A 54 30.41 15.52 5.60
CA LYS A 54 30.85 16.90 5.32
C LYS A 54 29.72 17.81 4.82
N ILE A 55 28.53 17.26 4.61
CA ILE A 55 27.45 18.02 4.02
C ILE A 55 26.30 18.16 5.03
N PRO A 56 26.18 19.33 5.66
CA PRO A 56 25.08 19.59 6.59
C PRO A 56 23.71 19.40 5.94
N ASN A 57 22.83 18.68 6.63
CA ASN A 57 21.44 18.44 6.18
C ASN A 57 21.31 17.41 5.05
N PHE A 58 22.43 16.94 4.52
CA PHE A 58 22.42 15.80 3.61
C PHE A 58 22.22 14.56 4.46
N PRO A 59 21.40 13.62 4.01
CA PRO A 59 21.15 12.40 4.78
C PRO A 59 22.43 11.61 5.03
N GLN A 60 22.48 10.91 6.16
CA GLN A 60 23.67 10.17 6.57
C GLN A 60 23.37 8.67 6.56
N THR A 61 24.36 7.89 6.14
CA THR A 61 24.25 6.44 6.19
C THR A 61 24.40 5.93 7.63
N SER A 62 23.85 4.75 7.91
CA SER A 62 23.92 4.12 9.22
C SER A 62 24.48 2.71 9.10
N HIS A 66 31.40 1.58 5.87
CA HIS A 66 32.00 2.90 5.74
C HIS A 66 30.93 3.97 5.52
N SER A 67 31.36 5.23 5.47
CA SER A 67 30.44 6.35 5.24
C SER A 67 30.12 6.42 3.75
N GLY A 68 28.96 6.99 3.43
CA GLY A 68 28.60 7.25 2.05
C GLY A 68 29.41 8.42 1.52
N ASN A 69 29.62 8.46 0.20
CA ASN A 69 30.35 9.57 -0.44
C ASN A 69 29.67 10.03 -1.72
N LEU A 70 29.82 11.32 -2.02
CA LEU A 70 29.58 11.84 -3.36
C LEU A 70 30.94 11.95 -4.04
N ILE A 71 31.04 11.46 -5.27
CA ILE A 71 32.28 11.52 -6.02
C ILE A 71 32.04 12.35 -7.25
N PHE A 72 32.80 13.42 -7.41
CA PHE A 72 32.72 14.30 -8.58
C PHE A 72 33.95 14.09 -9.43
N GLY A 73 33.80 14.27 -10.73
CA GLY A 73 34.91 14.09 -11.65
C GLY A 73 34.38 13.98 -13.06
N THR A 74 35.16 13.40 -13.96
CA THR A 74 34.69 13.20 -15.33
C THR A 74 34.70 11.72 -15.69
N LEU A 75 33.72 11.31 -16.48
CA LEU A 75 33.70 9.97 -17.07
C LEU A 75 33.61 10.18 -18.55
N SER A 76 34.54 9.55 -19.27
CA SER A 76 34.64 9.74 -20.71
C SER A 76 34.50 11.22 -21.11
N GLY A 77 35.10 12.11 -20.32
CA GLY A 77 35.12 13.54 -20.61
C GLY A 77 33.98 14.39 -20.07
N ARG A 78 32.96 13.75 -19.51
CA ARG A 78 31.74 14.44 -19.06
C ARG A 78 31.71 14.55 -17.55
N LYS A 79 31.20 15.66 -17.03
CA LYS A 79 31.19 15.93 -15.59
C LYS A 79 30.07 15.14 -14.90
N VAL A 80 30.44 14.35 -13.91
CA VAL A 80 29.50 13.47 -13.21
C VAL A 80 29.55 13.65 -11.70
N VAL A 81 28.47 13.27 -11.04
CA VAL A 81 28.44 13.10 -9.60
C VAL A 81 27.94 11.69 -9.35
N VAL A 82 28.67 10.92 -8.56
CA VAL A 82 28.30 9.55 -8.27
C VAL A 82 27.92 9.44 -6.80
N MET A 83 26.74 8.89 -6.53
CA MET A 83 26.27 8.63 -5.19
C MET A 83 26.66 7.21 -4.78
N GLN A 84 27.49 7.13 -3.74
CA GLN A 84 27.99 5.88 -3.18
C GLN A 84 27.42 5.79 -1.77
N GLY A 85 26.30 5.09 -1.63
CA GLY A 85 25.59 5.03 -0.37
C GLY A 85 24.20 5.59 -0.62
N ARG A 86 23.20 4.73 -0.54
CA ARG A 86 21.86 5.20 -0.81
C ARG A 86 20.94 4.96 0.36
N PHE A 87 19.79 5.62 0.29
CA PHE A 87 18.83 5.65 1.37
C PHE A 87 17.61 4.87 0.93
N HIS A 88 17.41 3.73 1.57
CA HIS A 88 16.40 2.79 1.15
C HIS A 88 15.19 2.92 2.05
N MET A 89 14.02 2.79 1.44
CA MET A 89 12.79 2.92 2.18
C MET A 89 12.60 1.79 3.18
N TYR A 90 13.12 0.59 2.89
CA TYR A 90 13.00 -0.52 3.83
C TYR A 90 13.84 -0.29 5.10
N GLU A 91 14.77 0.66 5.06
CA GLU A 91 15.56 1.03 6.25
C GLU A 91 14.84 2.01 7.17
N GLY A 92 13.69 2.54 6.75
CA GLY A 92 12.90 3.45 7.55
C GLY A 92 13.13 4.91 7.23
N TYR A 93 13.87 5.20 6.16
CA TYR A 93 14.11 6.58 5.74
C TYR A 93 12.83 7.19 5.22
N SER A 94 12.73 8.51 5.34
CA SER A 94 11.53 9.25 4.98
C SER A 94 11.56 9.63 3.51
N ASN A 95 10.39 10.02 2.99
CA ASN A 95 10.28 10.54 1.64
C ASN A 95 11.26 11.70 1.42
N ASP A 96 11.32 12.63 2.39
CA ASP A 96 12.21 13.79 2.26
C ASP A 96 13.68 13.39 2.18
N THR A 97 14.06 12.36 2.93
CA THR A 97 15.43 11.88 2.92
C THR A 97 15.81 11.38 1.54
N VAL A 98 14.91 10.60 0.92
CA VAL A 98 15.20 10.04 -0.40
C VAL A 98 15.16 11.11 -1.49
N ALA A 99 14.23 12.06 -1.35
CA ALA A 99 14.03 13.09 -2.35
C ALA A 99 15.17 14.08 -2.39
N LEU A 100 15.74 14.40 -1.23
CA LEU A 100 16.65 15.54 -1.14
C LEU A 100 17.89 15.39 -2.03
N PRO A 101 18.59 14.25 -1.99
CA PRO A 101 19.75 14.05 -2.86
C PRO A 101 19.47 14.24 -4.34
N ILE A 102 18.30 13.81 -4.80
CA ILE A 102 17.95 13.95 -6.20
C ILE A 102 17.71 15.44 -6.53
N ARG A 103 17.01 16.15 -5.65
CA ARG A 103 16.75 17.57 -5.88
C ARG A 103 18.04 18.38 -5.75
N VAL A 104 18.97 17.92 -4.92
CA VAL A 104 20.28 18.54 -4.83
C VAL A 104 21.00 18.36 -6.17
N MET A 105 20.96 17.15 -6.73
CA MET A 105 21.56 16.92 -8.05
C MET A 105 20.97 17.87 -9.10
N LYS A 106 19.67 18.11 -9.03
CA LYS A 106 19.04 19.03 -9.96
C LYS A 106 19.68 20.42 -9.86
N LEU A 107 19.82 20.91 -8.64
CA LEU A 107 20.37 22.26 -8.42
C LEU A 107 21.87 22.32 -8.73
N LEU A 108 22.56 21.20 -8.62
CA LEU A 108 23.99 21.14 -8.94
C LEU A 108 24.21 21.15 -10.44
N GLY A 109 23.17 20.84 -11.20
CA GLY A 109 23.19 20.90 -12.65
C GLY A 109 22.96 19.61 -13.39
N VAL A 110 22.59 18.54 -12.69
CA VAL A 110 22.40 17.22 -13.33
C VAL A 110 21.20 17.26 -14.29
N LYS A 111 21.42 16.79 -15.50
CA LYS A 111 20.39 16.71 -16.53
C LYS A 111 19.92 15.27 -16.79
N ILE A 112 20.80 14.31 -16.48
CA ILE A 112 20.54 12.88 -16.68
C ILE A 112 20.96 12.13 -15.42
N LEU A 113 20.07 11.25 -14.94
CA LEU A 113 20.33 10.39 -13.82
C LEU A 113 20.41 8.95 -14.33
N MET A 114 21.50 8.28 -14.00
CA MET A 114 21.70 6.87 -14.32
C MET A 114 21.69 6.10 -13.01
N VAL A 115 20.74 5.17 -12.89
CA VAL A 115 20.53 4.44 -11.65
C VAL A 115 20.72 2.95 -11.91
N SER A 116 21.35 2.29 -10.97
CA SER A 116 21.54 0.85 -11.00
C SER A 116 20.95 0.24 -9.75
N ASN A 117 20.49 -0.99 -9.86
CA ASN A 117 20.07 -1.75 -8.70
C ASN A 117 20.24 -3.25 -8.94
N ALA A 118 20.06 -4.02 -7.89
CA ALA A 118 20.05 -5.47 -7.96
C ALA A 118 18.58 -5.86 -7.81
N ALA A 119 18.13 -6.80 -8.63
CA ALA A 119 16.73 -7.21 -8.65
C ALA A 119 16.55 -8.70 -8.87
N GLY A 120 15.34 -9.19 -8.57
CA GLY A 120 14.96 -10.56 -8.81
C GLY A 120 14.27 -10.71 -10.15
N GLY A 121 14.64 -11.74 -10.89
CA GLY A 121 14.09 -11.98 -12.21
C GLY A 121 12.77 -12.69 -12.14
N LEU A 122 11.72 -12.08 -12.67
CA LEU A 122 10.42 -12.73 -12.77
C LEU A 122 10.23 -13.34 -14.14
N ASN A 123 10.43 -12.51 -15.17
CA ASN A 123 10.37 -12.95 -16.56
C ASN A 123 11.25 -14.20 -16.72
N ARG A 124 10.67 -15.25 -17.27
CA ARG A 124 11.30 -16.58 -17.31
C ARG A 124 12.44 -16.71 -18.33
N SER A 125 12.59 -15.71 -19.20
CA SER A 125 13.70 -15.68 -20.16
C SER A 125 14.99 -15.13 -19.54
N LEU A 126 14.90 -14.57 -18.34
CA LEU A 126 16.05 -13.99 -17.68
C LEU A 126 16.95 -15.06 -17.07
N LYS A 127 18.24 -14.72 -17.00
CA LYS A 127 19.28 -15.54 -16.39
C LYS A 127 20.00 -14.71 -15.34
N LEU A 128 20.57 -15.37 -14.32
CA LEU A 128 21.41 -14.69 -13.35
C LEU A 128 22.52 -13.92 -14.06
N GLY A 129 22.67 -12.66 -13.67
CA GLY A 129 23.69 -11.79 -14.22
C GLY A 129 23.26 -11.02 -15.45
N ASP A 130 22.01 -11.17 -15.88
CA ASP A 130 21.49 -10.38 -16.99
C ASP A 130 21.27 -8.94 -16.53
N PHE A 131 21.34 -8.02 -17.47
CA PHE A 131 20.98 -6.62 -17.25
C PHE A 131 19.58 -6.39 -17.80
N VAL A 132 18.72 -5.76 -17.01
CA VAL A 132 17.39 -5.41 -17.46
C VAL A 132 17.26 -3.90 -17.39
N ILE A 133 17.35 -3.25 -18.54
CA ILE A 133 17.07 -1.81 -18.64
C ILE A 133 15.61 -1.61 -18.30
N LEU A 134 15.32 -0.69 -17.38
CA LEU A 134 13.93 -0.41 -17.05
C LEU A 134 13.31 0.42 -18.18
N LYS A 135 12.22 -0.07 -18.75
CA LYS A 135 11.45 0.70 -19.73
C LYS A 135 10.19 1.30 -19.10
N ASP A 136 9.80 0.74 -17.96
CA ASP A 136 8.63 1.21 -17.23
C ASP A 136 8.64 0.63 -15.83
N HIS A 137 7.69 1.06 -14.99
CA HIS A 137 7.64 0.54 -13.64
C HIS A 137 6.23 0.41 -13.11
N ILE A 138 6.09 -0.38 -12.05
CA ILE A 138 4.88 -0.44 -11.26
C ILE A 138 5.26 -0.14 -9.82
N TYR A 139 4.75 0.98 -9.33
CA TYR A 139 5.13 1.55 -8.07
C TYR A 139 4.09 1.10 -7.06
N LEU A 140 4.22 -0.11 -6.55
CA LEU A 140 3.18 -0.62 -5.66
C LEU A 140 2.99 0.26 -4.41
N PRO A 141 4.07 0.67 -3.73
CA PRO A 141 3.92 1.64 -2.64
C PRO A 141 3.20 2.92 -3.05
N GLY A 142 3.50 3.43 -4.24
CA GLY A 142 2.87 4.63 -4.76
C GLY A 142 1.37 4.50 -4.96
N LEU A 143 0.96 3.39 -5.53
CA LEU A 143 -0.47 3.15 -5.78
C LEU A 143 -1.19 3.00 -4.44
N GLY A 144 -0.48 2.49 -3.43
CA GLY A 144 -1.04 2.26 -2.10
C GLY A 144 -0.93 3.38 -1.07
N LEU A 145 -0.72 4.61 -1.53
CA LEU A 145 -0.64 5.81 -0.66
C LEU A 145 0.73 6.04 0.03
N ASN A 146 1.76 5.35 -0.43
CA ASN A 146 3.14 5.61 0.01
C ASN A 146 4.03 6.15 -1.12
N ASN A 147 3.45 6.94 -2.01
CA ASN A 147 4.20 7.64 -3.05
C ASN A 147 5.10 8.68 -2.39
N ILE A 148 6.34 8.76 -2.86
CA ILE A 148 7.32 9.70 -2.33
C ILE A 148 6.86 11.18 -2.36
N LEU A 149 5.98 11.51 -3.31
CA LEU A 149 5.49 12.88 -3.51
C LEU A 149 4.29 13.22 -2.62
N VAL A 150 3.76 12.25 -1.88
CA VAL A 150 2.66 12.55 -0.95
C VAL A 150 3.08 13.68 -0.01
N GLY A 151 2.21 14.67 0.16
CA GLY A 151 2.52 15.87 0.92
C GLY A 151 2.40 17.11 0.06
N PRO A 152 2.62 18.29 0.61
CA PRO A 152 2.58 19.53 -0.19
C PRO A 152 3.54 19.41 -1.37
N ASN A 153 3.11 19.87 -2.53
CA ASN A 153 3.96 19.85 -3.70
C ASN A 153 4.96 20.98 -3.56
N GLN A 154 6.21 20.70 -3.87
CA GLN A 154 7.26 21.69 -3.91
C GLN A 154 7.29 22.26 -5.32
N GLU A 155 6.57 23.37 -5.50
CA GLU A 155 6.32 23.92 -6.83
C GLU A 155 7.58 24.35 -7.55
N ALA A 156 8.61 24.73 -6.80
CA ALA A 156 9.88 25.14 -7.38
C ALA A 156 10.52 24.01 -8.18
N PHE A 157 10.19 22.76 -7.84
CA PHE A 157 10.78 21.60 -8.52
C PHE A 157 9.90 21.06 -9.64
N GLY A 158 8.60 21.04 -9.42
CA GLY A 158 7.69 20.51 -10.42
C GLY A 158 6.23 20.64 -10.05
N THR A 159 5.40 19.97 -10.85
CA THR A 159 3.96 20.11 -10.81
C THR A 159 3.31 19.10 -9.86
N ARG A 160 2.07 19.38 -9.48
CA ARG A 160 1.40 18.59 -8.46
C ARG A 160 1.22 17.14 -8.90
N PHE A 161 0.78 16.96 -10.15
CA PHE A 161 0.46 15.65 -10.70
C PHE A 161 1.38 15.34 -11.87
N PRO A 162 2.60 14.90 -11.59
CA PRO A 162 3.53 14.61 -12.69
C PRO A 162 3.08 13.42 -13.53
N ALA A 163 3.22 13.56 -14.84
CA ALA A 163 2.99 12.46 -15.76
C ALA A 163 4.27 11.65 -15.77
N LEU A 164 4.14 10.34 -15.92
CA LEU A 164 5.31 9.48 -15.99
C LEU A 164 5.47 8.86 -17.39
N SER A 165 5.03 9.61 -18.41
CA SER A 165 5.24 9.19 -19.80
C SER A 165 6.69 9.38 -20.17
N ASN A 166 7.26 8.36 -20.82
CA ASN A 166 8.67 8.37 -21.20
C ASN A 166 9.55 8.58 -19.97
N ALA A 167 9.12 8.04 -18.83
CA ALA A 167 9.88 8.17 -17.58
C ALA A 167 11.29 7.64 -17.76
N TYR A 168 11.40 6.50 -18.44
CA TYR A 168 12.68 5.90 -18.76
C TYR A 168 12.97 6.27 -20.21
N ASP A 169 13.64 7.41 -20.36
CA ASP A 169 13.83 8.04 -21.65
C ASP A 169 14.16 7.03 -22.75
N ARG A 170 13.35 7.02 -23.81
CA ARG A 170 13.47 5.99 -24.82
C ARG A 170 14.74 6.13 -25.64
N ASP A 171 15.20 7.36 -25.84
CA ASP A 171 16.45 7.62 -26.56
C ASP A 171 17.67 7.12 -25.78
N LEU A 172 17.64 7.26 -24.45
CA LEU A 172 18.71 6.72 -23.61
C LEU A 172 18.70 5.19 -23.60
N ARG A 173 17.52 4.59 -23.58
CA ARG A 173 17.40 3.13 -23.62
C ARG A 173 17.98 2.59 -24.94
N LYS A 174 17.60 3.22 -26.04
CA LYS A 174 18.04 2.85 -27.38
C LYS A 174 19.57 2.93 -27.47
N LEU A 175 20.13 4.00 -26.94
CA LEU A 175 21.58 4.22 -26.93
C LEU A 175 22.29 3.14 -26.09
N ALA A 176 21.73 2.84 -24.92
CA ALA A 176 22.32 1.83 -24.03
C ALA A 176 22.34 0.45 -24.69
N VAL A 177 21.28 0.09 -25.40
CA VAL A 177 21.22 -1.19 -26.09
C VAL A 177 22.28 -1.22 -27.18
N GLN A 178 22.40 -0.12 -27.91
CA GLN A 178 23.37 -0.01 -29.00
C GLN A 178 24.81 -0.16 -28.50
N VAL A 179 25.10 0.47 -27.36
CA VAL A 179 26.44 0.43 -26.78
C VAL A 179 26.78 -1.00 -26.34
N ALA A 180 25.82 -1.68 -25.72
CA ALA A 180 26.02 -3.07 -25.31
C ALA A 180 26.30 -3.96 -26.52
N GLU A 181 25.52 -3.80 -27.58
CA GLU A 181 25.64 -4.62 -28.78
C GLU A 181 26.99 -4.44 -29.48
N GLU A 182 27.43 -3.19 -29.59
CA GLU A 182 28.71 -2.90 -30.25
C GLU A 182 29.93 -3.29 -29.40
N ASN A 183 29.74 -3.50 -28.10
CA ASN A 183 30.82 -3.93 -27.23
C ASN A 183 30.72 -5.39 -26.84
N GLY A 184 29.81 -6.11 -27.50
CA GLY A 184 29.76 -7.56 -27.45
C GLY A 184 29.10 -8.18 -26.24
N PHE A 185 28.24 -7.43 -25.54
CA PHE A 185 27.44 -8.01 -24.46
C PHE A 185 25.96 -7.70 -24.60
N GLY A 186 25.50 -7.54 -25.83
CA GLY A 186 24.08 -7.33 -26.11
C GLY A 186 23.22 -8.51 -25.70
N ASN A 187 23.82 -9.69 -25.74
CA ASN A 187 23.16 -10.93 -25.30
C ASN A 187 22.73 -10.91 -23.82
N LEU A 188 23.39 -10.08 -23.02
CA LEU A 188 23.06 -9.96 -21.59
C LEU A 188 21.95 -8.97 -21.31
N VAL A 189 21.62 -8.13 -22.30
CA VAL A 189 20.75 -6.98 -22.08
C VAL A 189 19.30 -7.22 -22.53
N HIS A 190 18.38 -6.99 -21.60
CA HIS A 190 16.96 -7.00 -21.84
C HIS A 190 16.39 -5.64 -21.47
N GLN A 191 15.13 -5.41 -21.84
CA GLN A 191 14.36 -4.28 -21.33
C GLN A 191 13.10 -4.83 -20.70
N GLY A 192 12.62 -4.16 -19.66
CA GLY A 192 11.46 -4.64 -18.96
C GLY A 192 10.88 -3.71 -17.93
N VAL A 193 9.84 -4.19 -17.29
CA VAL A 193 9.10 -3.46 -16.28
C VAL A 193 9.59 -3.89 -14.90
N TYR A 194 9.97 -2.92 -14.08
CA TYR A 194 10.43 -3.15 -12.70
C TYR A 194 9.28 -2.84 -11.77
N VAL A 195 8.99 -3.76 -10.86
CA VAL A 195 8.00 -3.51 -9.83
C VAL A 195 8.72 -3.38 -8.50
N MET A 196 8.34 -2.37 -7.73
CA MET A 196 8.90 -2.18 -6.41
C MET A 196 8.08 -2.90 -5.35
N ASN A 197 8.76 -3.81 -4.65
CA ASN A 197 8.34 -4.38 -3.37
C ASN A 197 9.01 -3.53 -2.29
N GLY A 198 8.21 -2.93 -1.41
CA GLY A 198 8.76 -2.14 -0.33
C GLY A 198 9.84 -2.87 0.46
N GLY A 199 9.62 -4.17 0.67
CA GLY A 199 10.58 -5.03 1.34
C GLY A 199 10.53 -4.84 2.85
N PRO A 200 11.51 -5.35 3.59
CA PRO A 200 12.73 -5.99 3.06
C PRO A 200 12.66 -7.50 2.82
N CYS A 201 11.50 -8.13 3.02
CA CYS A 201 11.35 -9.54 2.68
C CYS A 201 11.51 -9.75 1.20
N TYR A 202 12.24 -10.79 0.82
CA TYR A 202 12.13 -11.32 -0.51
C TYR A 202 10.68 -11.76 -0.75
N GLU A 203 10.35 -11.89 -2.02
CA GLU A 203 8.99 -12.15 -2.47
C GLU A 203 8.70 -13.64 -2.38
N THR A 204 7.52 -13.98 -1.89
CA THR A 204 7.11 -15.38 -1.81
C THR A 204 6.82 -15.87 -3.22
N PRO A 205 6.76 -17.18 -3.42
CA PRO A 205 6.37 -17.71 -4.72
C PRO A 205 5.01 -17.19 -5.24
N ALA A 206 4.02 -17.06 -4.36
CA ALA A 206 2.71 -16.56 -4.75
C ALA A 206 2.80 -15.08 -5.15
N GLU A 207 3.60 -14.31 -4.42
CA GLU A 207 3.83 -12.90 -4.78
C GLU A 207 4.50 -12.79 -6.14
N CYS A 208 5.53 -13.59 -6.37
CA CYS A 208 6.25 -13.57 -7.64
C CYS A 208 5.34 -13.92 -8.81
N THR A 209 4.48 -14.91 -8.63
CA THR A 209 3.53 -15.30 -9.65
C THR A 209 2.54 -14.16 -9.95
N MET A 210 2.03 -13.54 -8.88
CA MET A 210 1.12 -12.40 -9.04
C MET A 210 1.84 -11.29 -9.81
N LEU A 211 3.08 -10.98 -9.43
CA LEU A 211 3.81 -9.88 -10.06
C LEU A 211 4.11 -10.16 -11.53
N LEU A 212 4.47 -11.39 -11.85
CA LEU A 212 4.72 -11.78 -13.23
C LEU A 212 3.45 -11.61 -14.06
N ASN A 213 2.31 -12.02 -13.50
CA ASN A 213 1.03 -11.93 -14.19
C ASN A 213 0.50 -10.49 -14.28
N MET A 214 1.04 -9.61 -13.44
CA MET A 214 0.76 -8.17 -13.54
C MET A 214 1.53 -7.52 -14.69
N GLY A 215 2.49 -8.24 -15.26
CA GLY A 215 3.29 -7.74 -16.37
C GLY A 215 4.66 -7.24 -15.96
N CYS A 216 5.17 -7.76 -14.83
CA CYS A 216 6.46 -7.33 -14.31
C CYS A 216 7.56 -8.30 -14.72
N ASP A 217 8.70 -7.75 -15.13
CA ASP A 217 9.84 -8.55 -15.53
C ASP A 217 10.86 -8.75 -14.41
N VAL A 218 11.08 -7.72 -13.60
CA VAL A 218 11.95 -7.82 -12.45
C VAL A 218 11.28 -7.18 -11.24
N VAL A 219 11.68 -7.62 -10.05
CA VAL A 219 11.19 -7.03 -8.80
C VAL A 219 12.37 -6.63 -7.93
N GLY A 220 12.32 -5.42 -7.39
CA GLY A 220 13.30 -4.96 -6.43
C GLY A 220 12.69 -4.08 -5.38
N MET A 221 13.54 -3.52 -4.52
CA MET A 221 13.08 -2.79 -3.34
C MET A 221 13.52 -1.33 -3.33
N SER A 222 13.80 -0.78 -4.51
CA SER A 222 14.34 0.56 -4.58
C SER A 222 13.99 1.30 -5.87
N THR A 223 14.68 2.43 -6.10
CA THR A 223 14.79 3.06 -7.41
C THR A 223 13.60 3.88 -7.87
N ILE A 224 12.40 3.32 -7.79
CA ILE A 224 11.24 4.06 -8.28
C ILE A 224 11.09 5.42 -7.57
N PRO A 225 11.25 5.49 -6.26
CA PRO A 225 11.09 6.79 -5.58
C PRO A 225 12.04 7.83 -6.16
N GLU A 226 13.29 7.45 -6.39
CA GLU A 226 14.27 8.39 -6.99
C GLU A 226 13.87 8.79 -8.41
N VAL A 227 13.36 7.83 -9.18
CA VAL A 227 12.91 8.05 -10.55
C VAL A 227 11.76 9.08 -10.57
N VAL A 228 10.80 8.90 -9.68
CA VAL A 228 9.68 9.82 -9.55
C VAL A 228 10.16 11.23 -9.24
N ILE A 229 11.07 11.38 -8.29
CA ILE A 229 11.58 12.70 -7.94
C ILE A 229 12.35 13.31 -9.12
N ALA A 230 13.13 12.49 -9.81
CA ALA A 230 13.92 12.98 -10.94
C ALA A 230 13.00 13.51 -12.04
N ARG A 231 12.00 12.71 -12.40
CA ARG A 231 11.04 13.10 -13.45
C ARG A 231 10.25 14.33 -13.05
N HIS A 232 9.85 14.39 -11.77
CA HIS A 232 9.13 15.54 -11.24
C HIS A 232 9.88 16.85 -11.47
N CYS A 233 11.20 16.83 -11.34
CA CYS A 233 11.98 18.03 -11.54
C CYS A 233 12.75 18.03 -12.85
N GLY A 234 12.27 17.30 -13.84
CA GLY A 234 12.83 17.40 -15.19
C GLY A 234 14.15 16.75 -15.53
N ILE A 235 14.58 15.80 -14.73
CA ILE A 235 15.82 15.11 -14.98
C ILE A 235 15.51 13.85 -15.79
N GLN A 236 16.23 13.62 -16.89
CA GLN A 236 16.06 12.41 -17.68
C GLN A 236 16.64 11.22 -16.95
N VAL A 237 15.99 10.07 -17.07
CA VAL A 237 16.35 8.88 -16.32
C VAL A 237 16.71 7.71 -17.21
N PHE A 238 17.80 7.06 -16.86
CA PHE A 238 18.16 5.74 -17.35
C PHE A 238 18.39 4.86 -16.13
N ALA A 239 17.83 3.68 -16.13
CA ALA A 239 17.94 2.77 -15.00
C ALA A 239 18.07 1.33 -15.46
N VAL A 240 18.89 0.56 -14.74
CA VAL A 240 19.19 -0.82 -15.08
C VAL A 240 19.27 -1.68 -13.83
N SER A 241 18.66 -2.85 -13.90
CA SER A 241 18.71 -3.86 -12.86
C SER A 241 19.70 -4.94 -13.26
N LEU A 242 20.56 -5.30 -12.33
CA LEU A 242 21.35 -6.52 -12.44
C LEU A 242 20.51 -7.63 -11.80
N VAL A 243 20.23 -8.70 -12.55
CA VAL A 243 19.47 -9.83 -12.04
C VAL A 243 20.38 -10.67 -11.12
N THR A 244 20.15 -10.60 -9.82
CA THR A 244 20.97 -11.31 -8.85
C THR A 244 20.30 -12.51 -8.20
N ASN A 245 19.00 -12.68 -8.46
CA ASN A 245 18.26 -13.87 -8.05
C ASN A 245 17.20 -14.20 -9.10
N ILE A 246 16.89 -15.47 -9.27
CA ILE A 246 15.80 -15.88 -10.15
C ILE A 246 14.66 -16.31 -9.25
N SER A 247 13.54 -15.61 -9.36
CA SER A 247 12.39 -15.87 -8.51
C SER A 247 11.83 -17.28 -8.67
N VAL A 248 11.54 -17.94 -7.54
CA VAL A 248 10.84 -19.22 -7.56
C VAL A 248 9.34 -18.92 -7.52
N LEU A 249 8.58 -19.54 -8.42
CA LEU A 249 7.17 -19.19 -8.63
C LEU A 249 6.17 -20.13 -7.95
N ASP A 250 6.64 -21.28 -7.49
CA ASP A 250 5.77 -22.26 -6.81
C ASP A 250 6.42 -22.79 -5.53
N VAL A 251 5.60 -23.03 -4.52
CA VAL A 251 6.08 -23.52 -3.22
C VAL A 251 6.65 -24.93 -3.32
N GLU A 252 6.14 -25.73 -4.25
CA GLU A 252 6.64 -27.09 -4.48
C GLU A 252 8.11 -27.13 -4.92
N SER A 253 8.54 -26.09 -5.66
CA SER A 253 9.95 -25.95 -6.06
C SER A 253 10.79 -25.34 -4.93
N ASP A 254 12.03 -25.80 -4.79
CA ASP A 254 12.93 -25.33 -3.73
C ASP A 254 13.56 -23.99 -4.10
N GLY A 266 28.88 -11.52 -10.43
CA GLY A 266 28.44 -10.36 -9.69
C GLY A 266 29.49 -9.27 -9.70
N ALA A 267 30.72 -9.66 -9.37
CA ALA A 267 31.84 -8.74 -9.29
C ALA A 267 32.21 -8.33 -10.69
N GLN A 268 32.34 -9.33 -11.57
CA GLN A 268 32.62 -9.05 -12.98
C GLN A 268 31.49 -8.27 -13.59
N ARG A 269 30.25 -8.59 -13.22
CA ARG A 269 29.08 -7.90 -13.77
C ARG A 269 29.04 -6.43 -13.35
N ALA A 270 29.51 -6.12 -12.15
CA ALA A 270 29.61 -4.74 -11.69
C ALA A 270 30.65 -4.00 -12.53
N GLU A 271 31.76 -4.67 -12.81
CA GLU A 271 32.83 -4.08 -13.61
C GLU A 271 32.36 -3.87 -15.04
N LEU A 272 31.59 -4.83 -15.55
CA LEU A 272 31.02 -4.70 -16.89
C LEU A 272 30.00 -3.56 -16.93
N MET A 273 29.20 -3.44 -15.88
CA MET A 273 28.20 -2.38 -15.84
C MET A 273 28.89 -1.02 -15.78
N GLN A 274 30.00 -0.95 -15.05
CA GLN A 274 30.82 0.26 -14.99
C GLN A 274 31.25 0.65 -16.40
N SER A 275 31.82 -0.30 -17.14
CA SER A 275 32.26 -0.07 -18.52
C SER A 275 31.11 0.40 -19.40
N TRP A 276 29.96 -0.25 -19.24
CA TRP A 276 28.76 0.08 -20.01
C TRP A 276 28.33 1.52 -19.76
N PHE A 277 28.21 1.90 -18.48
CA PHE A 277 27.84 3.26 -18.11
C PHE A 277 28.82 4.27 -18.68
N GLU A 278 30.11 3.95 -18.62
CA GLU A 278 31.14 4.82 -19.16
C GLU A 278 30.98 4.99 -20.67
N LYS A 279 30.68 3.90 -21.36
CA LYS A 279 30.57 3.93 -22.82
C LYS A 279 29.27 4.59 -23.27
N ILE A 280 28.21 4.49 -22.47
CA ILE A 280 26.98 5.24 -22.71
C ILE A 280 27.27 6.73 -22.61
N ILE A 281 27.95 7.13 -21.54
CA ILE A 281 28.22 8.53 -21.26
C ILE A 281 29.04 9.13 -22.39
N GLU A 282 29.99 8.35 -22.90
CA GLU A 282 30.83 8.79 -24.01
C GLU A 282 30.00 9.18 -25.24
N LYS A 283 28.90 8.49 -25.46
CA LYS A 283 28.02 8.71 -26.61
C LYS A 283 26.80 9.61 -26.34
N LEU A 284 26.64 10.08 -25.11
CA LEU A 284 25.48 10.92 -24.80
C LEU A 284 25.56 12.20 -25.64
N PRO A 285 24.43 12.68 -26.14
CA PRO A 285 24.41 14.00 -26.79
C PRO A 285 24.94 15.07 -25.86
N LYS A 286 25.60 16.06 -26.44
CA LYS A 286 26.22 17.14 -25.69
C LYS A 286 25.88 18.43 -26.41
N ASP A 287 25.19 19.35 -25.73
CA ASP A 287 24.90 20.65 -26.35
C ASP A 287 26.08 21.59 -26.17
N SER B 4 5.07 0.29 21.88
CA SER B 4 5.61 1.57 22.38
C SER B 4 7.11 1.47 22.61
N VAL B 5 7.63 0.24 22.68
CA VAL B 5 9.06 0.00 22.82
C VAL B 5 9.60 -0.80 21.62
N THR B 6 10.79 -0.44 21.17
CA THR B 6 11.42 -1.12 20.05
C THR B 6 11.56 -2.61 20.36
N ALA B 7 11.29 -3.45 19.38
CA ALA B 7 11.40 -4.90 19.53
C ALA B 7 12.86 -5.30 19.33
N ASN B 8 13.76 -4.66 20.08
CA ASN B 8 15.19 -4.97 20.02
C ASN B 8 15.53 -6.03 21.05
N ILE B 9 16.75 -6.54 21.00
CA ILE B 9 17.16 -7.62 21.89
C ILE B 9 17.08 -7.21 23.36
N GLU B 10 17.43 -5.95 23.64
CA GLU B 10 17.44 -5.45 25.01
C GLU B 10 16.03 -5.48 25.61
N ASN B 11 15.05 -4.96 24.88
CA ASN B 11 13.67 -4.90 25.38
C ASN B 11 13.01 -6.27 25.41
N VAL B 12 13.24 -7.06 24.37
CA VAL B 12 12.67 -8.40 24.26
C VAL B 12 13.20 -9.28 25.40
N LYS B 13 14.47 -9.15 25.72
CA LYS B 13 15.07 -9.92 26.82
C LYS B 13 14.48 -9.56 28.17
N LYS B 14 14.24 -8.27 28.41
CA LYS B 14 13.67 -7.81 29.67
C LYS B 14 12.29 -8.44 29.88
N VAL B 15 11.51 -8.50 28.81
CA VAL B 15 10.18 -9.09 28.86
C VAL B 15 10.27 -10.60 29.12
N ALA B 16 11.13 -11.29 28.40
CA ALA B 16 11.31 -12.74 28.56
C ALA B 16 11.74 -13.10 29.99
N HIS B 17 12.61 -12.28 30.57
CA HIS B 17 13.12 -12.50 31.92
C HIS B 17 12.05 -12.33 32.98
N HIS B 18 11.16 -11.36 32.75
CA HIS B 18 10.04 -11.10 33.63
C HIS B 18 9.07 -12.28 33.61
N ILE B 19 8.83 -12.83 32.41
CA ILE B 19 7.97 -14.00 32.26
C ILE B 19 8.61 -15.22 32.93
N GLN B 20 9.93 -15.31 32.85
CA GLN B 20 10.67 -16.46 33.38
C GLN B 20 10.68 -16.54 34.91
N LYS B 21 10.39 -15.43 35.59
CA LYS B 21 10.28 -15.45 37.05
C LYS B 21 8.82 -15.68 37.51
N LEU B 22 7.88 -15.56 36.58
CA LEU B 22 6.47 -15.86 36.85
C LEU B 22 6.09 -17.29 36.46
N THR B 23 6.93 -17.94 35.66
CA THR B 23 6.71 -19.33 35.25
C THR B 23 8.01 -20.07 35.02
N SER B 24 7.99 -21.36 35.33
CA SER B 24 9.15 -22.24 35.12
C SER B 24 8.97 -23.08 33.86
N ILE B 25 7.81 -22.95 33.21
CA ILE B 25 7.51 -23.69 31.99
C ILE B 25 8.26 -23.09 30.81
N VAL B 26 9.15 -23.88 30.21
CA VAL B 26 9.90 -23.48 29.02
C VAL B 26 9.14 -23.96 27.78
N PRO B 27 8.47 -23.04 27.07
CA PRO B 27 7.63 -23.44 25.95
C PRO B 27 8.43 -23.88 24.73
N GLU B 28 7.95 -24.93 24.07
CA GLU B 28 8.52 -25.42 22.82
C GLU B 28 7.64 -24.98 21.63
N ILE B 29 6.34 -24.85 21.88
CA ILE B 29 5.37 -24.52 20.84
C ILE B 29 4.61 -23.28 21.30
N GLY B 30 4.50 -22.29 20.43
CA GLY B 30 3.67 -21.12 20.69
C GLY B 30 2.43 -21.22 19.84
N ILE B 31 1.31 -20.75 20.36
CA ILE B 31 0.04 -20.82 19.64
C ILE B 31 -0.64 -19.47 19.76
N ILE B 32 -0.96 -18.86 18.62
CA ILE B 32 -1.69 -17.61 18.60
C ILE B 32 -3.13 -17.93 18.21
N CYS B 33 -4.03 -17.66 19.13
CA CYS B 33 -5.44 -17.94 18.95
C CYS B 33 -6.11 -16.88 18.11
N GLY B 34 -6.58 -17.28 16.94
CA GLY B 34 -7.52 -16.51 16.16
C GLY B 34 -8.84 -17.22 16.23
N SER B 35 -9.68 -17.00 15.22
CA SER B 35 -10.95 -17.69 15.12
C SER B 35 -10.73 -19.19 15.23
N GLY B 36 -11.61 -19.86 15.98
CA GLY B 36 -11.57 -21.30 16.14
C GLY B 36 -10.78 -21.79 17.33
N LEU B 37 -9.94 -20.93 17.91
CA LEU B 37 -9.07 -21.32 19.01
C LEU B 37 -9.37 -20.54 20.29
N GLY B 38 -10.55 -19.97 20.39
CA GLY B 38 -10.94 -19.22 21.56
C GLY B 38 -10.97 -20.05 22.84
N LYS B 39 -11.23 -21.35 22.72
CA LYS B 39 -11.31 -22.24 23.87
C LYS B 39 -10.05 -23.09 24.10
N LEU B 40 -9.02 -22.92 23.29
CA LEU B 40 -7.79 -23.69 23.42
C LEU B 40 -7.11 -23.53 24.78
N ALA B 41 -7.20 -22.33 25.36
CA ALA B 41 -6.62 -22.03 26.66
C ALA B 41 -7.23 -22.87 27.80
N ASP B 42 -8.50 -23.22 27.68
CA ASP B 42 -9.20 -24.03 28.70
C ASP B 42 -8.67 -25.47 28.74
N GLY B 43 -8.22 -25.98 27.60
CA GLY B 43 -7.72 -27.34 27.51
C GLY B 43 -6.30 -27.55 27.99
N VAL B 44 -5.57 -26.47 28.27
CA VAL B 44 -4.18 -26.56 28.71
C VAL B 44 -4.13 -27.08 30.15
N LYS B 45 -3.13 -27.91 30.43
CA LYS B 45 -2.94 -28.52 31.75
C LYS B 45 -1.80 -27.82 32.49
N ASP B 46 -1.88 -27.77 33.82
CA ASP B 46 -0.87 -27.09 34.65
C ASP B 46 -0.79 -25.60 34.27
N LYS B 47 -1.95 -24.98 34.08
CA LYS B 47 -2.01 -23.63 33.55
C LYS B 47 -1.33 -22.61 34.46
N ILE B 48 -0.60 -21.70 33.84
CA ILE B 48 -0.03 -20.54 34.51
C ILE B 48 -0.44 -19.35 33.66
N THR B 49 -1.52 -18.67 34.05
CA THR B 49 -2.06 -17.57 33.26
C THR B 49 -1.44 -16.25 33.70
N ILE B 50 -0.73 -15.62 32.76
CA ILE B 50 -0.09 -14.34 32.98
C ILE B 50 -0.79 -13.30 32.11
N PRO B 51 -1.54 -12.37 32.70
CA PRO B 51 -2.15 -11.30 31.90
C PRO B 51 -1.12 -10.31 31.38
N TYR B 52 -1.41 -9.67 30.25
CA TYR B 52 -0.47 -8.75 29.60
C TYR B 52 -0.17 -7.54 30.48
N THR B 53 -1.13 -7.15 31.32
CA THR B 53 -0.93 -6.03 32.24
C THR B 53 0.17 -6.32 33.27
N LYS B 54 0.38 -7.60 33.58
CA LYS B 54 1.40 -8.02 34.56
C LYS B 54 2.80 -8.21 33.96
N ILE B 55 2.92 -8.01 32.65
CA ILE B 55 4.21 -8.04 31.96
C ILE B 55 4.56 -6.60 31.55
N PRO B 56 5.54 -5.98 32.22
CA PRO B 56 5.99 -4.63 31.84
C PRO B 56 6.60 -4.60 30.43
N ASN B 57 6.37 -3.51 29.72
CA ASN B 57 6.82 -3.32 28.33
C ASN B 57 6.11 -4.20 27.29
N PHE B 58 5.21 -5.09 27.73
CA PHE B 58 4.45 -5.95 26.83
C PHE B 58 3.24 -5.16 26.33
N PRO B 59 2.92 -5.25 25.03
CA PRO B 59 1.81 -4.45 24.50
C PRO B 59 0.47 -4.83 25.11
N GLN B 60 -0.44 -3.88 25.17
CA GLN B 60 -1.72 -4.04 25.84
C GLN B 60 -2.85 -4.14 24.83
N THR B 61 -3.68 -5.15 24.99
CA THR B 61 -4.98 -5.22 24.33
C THR B 61 -5.98 -5.85 25.28
N SER B 62 -7.15 -5.22 25.42
CA SER B 62 -8.14 -5.65 26.40
C SER B 62 -9.57 -5.43 25.94
N SER B 67 -8.67 -8.07 28.54
CA SER B 67 -7.26 -8.13 28.93
C SER B 67 -6.63 -9.44 28.46
N GLY B 68 -5.64 -9.33 27.58
CA GLY B 68 -5.04 -10.49 26.97
C GLY B 68 -4.20 -11.28 27.95
N ASN B 69 -3.98 -12.55 27.64
CA ASN B 69 -3.25 -13.46 28.51
C ASN B 69 -2.24 -14.30 27.74
N LEU B 70 -1.13 -14.61 28.41
CA LEU B 70 -0.16 -15.59 27.94
C LEU B 70 -0.36 -16.80 28.86
N ILE B 71 -0.78 -17.94 28.30
CA ILE B 71 -1.02 -19.15 29.08
C ILE B 71 0.08 -20.18 28.83
N PHE B 72 0.77 -20.57 29.90
CA PHE B 72 1.79 -21.60 29.84
C PHE B 72 1.27 -22.90 30.45
N GLY B 73 1.70 -24.02 29.89
CA GLY B 73 1.28 -25.34 30.36
C GLY B 73 1.66 -26.43 29.39
N THR B 74 0.94 -27.54 29.42
CA THR B 74 1.18 -28.62 28.49
C THR B 74 -0.07 -28.93 27.67
N LEU B 75 0.16 -29.39 26.45
CA LEU B 75 -0.91 -29.73 25.54
C LEU B 75 -0.45 -30.98 24.79
N SER B 76 -1.16 -32.08 25.00
CA SER B 76 -0.76 -33.38 24.44
C SER B 76 0.67 -33.73 24.80
N GLY B 77 1.07 -33.43 26.04
CA GLY B 77 2.38 -33.79 26.55
C GLY B 77 3.53 -32.86 26.21
N ARG B 78 3.24 -31.73 25.54
CA ARG B 78 4.29 -30.80 25.12
C ARG B 78 4.07 -29.44 25.74
N LYS B 79 5.16 -28.75 26.06
CA LYS B 79 5.11 -27.46 26.73
C LYS B 79 4.76 -26.37 25.72
N VAL B 80 3.76 -25.57 26.05
CA VAL B 80 3.24 -24.56 25.14
C VAL B 80 3.10 -23.20 25.80
N VAL B 81 3.13 -22.17 24.97
CA VAL B 81 2.71 -20.84 25.37
C VAL B 81 1.60 -20.46 24.40
N VAL B 82 0.46 -20.03 24.95
CA VAL B 82 -0.71 -19.69 24.14
C VAL B 82 -0.96 -18.20 24.30
N MET B 83 -0.94 -17.48 23.18
CA MET B 83 -1.30 -16.07 23.14
C MET B 83 -2.80 -15.95 22.96
N GLN B 84 -3.45 -15.39 23.97
CA GLN B 84 -4.88 -15.10 23.95
C GLN B 84 -5.01 -13.58 23.91
N GLY B 85 -5.27 -13.03 22.73
CA GLY B 85 -5.31 -11.58 22.59
C GLY B 85 -4.20 -11.13 21.65
N ARG B 86 -4.59 -10.82 20.42
CA ARG B 86 -3.66 -10.51 19.36
C ARG B 86 -3.62 -9.01 19.10
N PHE B 87 -2.63 -8.62 18.31
CA PHE B 87 -2.39 -7.24 17.99
C PHE B 87 -2.56 -7.08 16.49
N HIS B 88 -3.72 -6.59 16.09
CA HIS B 88 -4.06 -6.47 14.67
C HIS B 88 -3.67 -5.11 14.14
N MET B 89 -3.09 -5.08 12.94
CA MET B 89 -2.62 -3.83 12.38
C MET B 89 -3.79 -2.88 12.08
N TYR B 90 -4.97 -3.41 11.78
CA TYR B 90 -6.12 -2.54 11.52
C TYR B 90 -6.56 -1.77 12.77
N GLU B 91 -6.12 -2.23 13.94
CA GLU B 91 -6.37 -1.50 15.19
C GLU B 91 -5.40 -0.34 15.41
N GLY B 92 -4.38 -0.22 14.56
CA GLY B 92 -3.44 0.89 14.62
C GLY B 92 -2.18 0.59 15.43
N TYR B 93 -1.96 -0.67 15.79
CA TYR B 93 -0.73 -1.05 16.48
C TYR B 93 0.50 -0.88 15.59
N SER B 94 1.64 -0.66 16.22
CA SER B 94 2.90 -0.47 15.51
C SER B 94 3.54 -1.81 15.15
N ASN B 95 4.51 -1.75 14.26
CA ASN B 95 5.26 -2.94 13.87
C ASN B 95 5.95 -3.56 15.07
N ASP B 96 6.55 -2.73 15.90
CA ASP B 96 7.25 -3.20 17.10
C ASP B 96 6.30 -3.90 18.07
N THR B 97 5.09 -3.38 18.19
CA THR B 97 4.08 -4.01 19.04
C THR B 97 3.78 -5.44 18.60
N VAL B 98 3.60 -5.63 17.30
CA VAL B 98 3.25 -6.94 16.76
C VAL B 98 4.45 -7.88 16.81
N ALA B 99 5.65 -7.35 16.57
CA ALA B 99 6.86 -8.16 16.53
C ALA B 99 7.33 -8.63 17.90
N LEU B 100 7.12 -7.83 18.93
CA LEU B 100 7.68 -8.11 20.25
C LEU B 100 7.26 -9.47 20.83
N PRO B 101 5.96 -9.79 20.87
CA PRO B 101 5.54 -11.10 21.41
C PRO B 101 6.16 -12.30 20.71
N ILE B 102 6.31 -12.23 19.39
CA ILE B 102 6.92 -13.32 18.63
C ILE B 102 8.40 -13.47 19.01
N ARG B 103 9.08 -12.34 19.16
CA ARG B 103 10.49 -12.36 19.54
C ARG B 103 10.68 -12.79 21.00
N VAL B 104 9.70 -12.49 21.84
CA VAL B 104 9.71 -12.97 23.22
C VAL B 104 9.57 -14.50 23.20
N MET B 105 8.65 -14.99 22.38
CA MET B 105 8.48 -16.43 22.20
C MET B 105 9.80 -17.08 21.80
N LYS B 106 10.52 -16.47 20.86
CA LYS B 106 11.82 -17.00 20.42
C LYS B 106 12.77 -17.15 21.59
N LEU B 107 12.86 -16.12 22.43
CA LEU B 107 13.79 -16.14 23.56
C LEU B 107 13.35 -17.09 24.67
N LEU B 108 12.04 -17.31 24.81
CA LEU B 108 11.50 -18.23 25.80
C LEU B 108 11.77 -19.70 25.47
N GLY B 109 12.05 -19.99 24.20
CA GLY B 109 12.36 -21.34 23.74
C GLY B 109 11.47 -21.90 22.63
N VAL B 110 10.52 -21.09 22.13
CA VAL B 110 9.57 -21.56 21.11
C VAL B 110 10.28 -21.92 19.80
N LYS B 111 9.97 -23.11 19.29
CA LYS B 111 10.53 -23.62 18.04
C LYS B 111 9.50 -23.68 16.90
N ILE B 112 8.23 -23.85 17.25
CA ILE B 112 7.14 -23.92 16.29
C ILE B 112 6.05 -22.96 16.73
N LEU B 113 5.54 -22.17 15.79
CA LEU B 113 4.42 -21.28 16.02
C LEU B 113 3.22 -21.80 15.22
N MET B 114 2.11 -22.04 15.92
CA MET B 114 0.86 -22.45 15.30
C MET B 114 -0.12 -21.29 15.45
N VAL B 115 -0.76 -20.91 14.36
CA VAL B 115 -1.62 -19.73 14.35
C VAL B 115 -2.90 -20.04 13.58
N SER B 116 -4.02 -19.52 14.06
CA SER B 116 -5.25 -19.58 13.30
C SER B 116 -5.75 -18.18 13.03
N ASN B 117 -6.64 -18.08 12.06
CA ASN B 117 -7.30 -16.82 11.79
C ASN B 117 -8.64 -17.10 11.10
N ALA B 118 -9.43 -16.05 10.92
CA ALA B 118 -10.65 -16.12 10.15
C ALA B 118 -10.40 -15.42 8.83
N ALA B 119 -10.93 -15.98 7.76
CA ALA B 119 -10.66 -15.48 6.41
C ALA B 119 -11.87 -15.67 5.51
N GLY B 120 -11.94 -14.85 4.47
CA GLY B 120 -12.96 -14.97 3.45
C GLY B 120 -12.52 -15.92 2.37
N GLY B 121 -13.42 -16.79 1.94
CA GLY B 121 -13.12 -17.75 0.90
C GLY B 121 -13.21 -17.13 -0.47
N LEU B 122 -12.09 -17.05 -1.17
CA LEU B 122 -12.07 -16.61 -2.55
C LEU B 122 -12.22 -17.79 -3.52
N ASN B 123 -11.42 -18.84 -3.31
CA ASN B 123 -11.47 -20.07 -4.10
C ASN B 123 -12.91 -20.59 -4.06
N ARG B 124 -13.47 -20.81 -5.24
CA ARG B 124 -14.90 -21.12 -5.38
C ARG B 124 -15.28 -22.51 -4.87
N SER B 125 -14.30 -23.38 -4.66
CA SER B 125 -14.56 -24.73 -4.15
C SER B 125 -14.71 -24.77 -2.62
N LEU B 126 -14.36 -23.66 -1.96
CA LEU B 126 -14.41 -23.60 -0.50
C LEU B 126 -15.85 -23.48 -0.03
N LYS B 127 -16.09 -24.04 1.14
CA LYS B 127 -17.36 -23.96 1.83
C LYS B 127 -17.15 -23.27 3.17
N LEU B 128 -18.18 -22.61 3.66
CA LEU B 128 -18.19 -22.07 5.01
C LEU B 128 -17.78 -23.14 6.03
N GLY B 129 -16.85 -22.79 6.92
CA GLY B 129 -16.38 -23.69 7.95
C GLY B 129 -15.22 -24.57 7.52
N ASP B 130 -14.76 -24.44 6.29
CA ASP B 130 -13.59 -25.19 5.83
C ASP B 130 -12.32 -24.66 6.49
N PHE B 131 -11.31 -25.52 6.53
CA PHE B 131 -9.97 -25.17 7.01
C PHE B 131 -9.03 -25.06 5.83
N VAL B 132 -8.36 -23.93 5.73
CA VAL B 132 -7.37 -23.74 4.67
C VAL B 132 -6.02 -23.54 5.34
N ILE B 133 -5.21 -24.60 5.30
CA ILE B 133 -3.84 -24.51 5.74
C ILE B 133 -3.14 -23.56 4.79
N LEU B 134 -2.42 -22.60 5.35
CA LEU B 134 -1.63 -21.69 4.52
C LEU B 134 -0.39 -22.43 4.04
N LYS B 135 -0.18 -22.47 2.73
CA LYS B 135 1.08 -22.93 2.17
C LYS B 135 1.92 -21.79 1.61
N ASP B 136 1.29 -20.63 1.42
CA ASP B 136 1.98 -19.44 0.94
C ASP B 136 1.10 -18.23 1.19
N HIS B 137 1.66 -17.05 1.01
CA HIS B 137 0.91 -15.82 1.22
C HIS B 137 1.28 -14.73 0.22
N ILE B 138 0.41 -13.73 0.13
CA ILE B 138 0.68 -12.49 -0.58
C ILE B 138 0.46 -11.36 0.40
N TYR B 139 1.52 -10.64 0.71
CA TYR B 139 1.56 -9.64 1.78
C TYR B 139 1.37 -8.29 1.13
N LEU B 140 0.12 -7.94 0.83
CA LEU B 140 -0.13 -6.70 0.11
C LEU B 140 0.43 -5.49 0.84
N PRO B 141 0.21 -5.37 2.15
CA PRO B 141 0.87 -4.29 2.90
C PRO B 141 2.41 -4.27 2.77
N GLY B 142 3.05 -5.45 2.83
CA GLY B 142 4.48 -5.55 2.70
C GLY B 142 5.01 -5.12 1.35
N LEU B 143 4.32 -5.51 0.28
CA LEU B 143 4.72 -5.06 -1.06
C LEU B 143 4.58 -3.54 -1.20
N GLY B 144 3.63 -2.96 -0.47
CA GLY B 144 3.38 -1.54 -0.52
C GLY B 144 4.04 -0.63 0.52
N LEU B 145 5.17 -1.05 1.06
CA LEU B 145 5.95 -0.26 2.04
C LEU B 145 5.41 -0.25 3.49
N ASN B 146 4.51 -1.17 3.81
CA ASN B 146 4.06 -1.37 5.19
C ASN B 146 4.43 -2.75 5.73
N ASN B 147 5.55 -3.29 5.28
CA ASN B 147 6.08 -4.54 5.81
C ASN B 147 6.47 -4.33 7.27
N ILE B 148 6.12 -5.27 8.12
CA ILE B 148 6.43 -5.21 9.55
C ILE B 148 7.93 -5.01 9.82
N LEU B 149 8.80 -5.46 8.92
CA LEU B 149 10.24 -5.34 9.11
C LEU B 149 10.85 -4.02 8.65
N VAL B 150 10.06 -3.11 8.08
CA VAL B 150 10.60 -1.81 7.66
C VAL B 150 11.19 -1.08 8.88
N GLY B 151 12.41 -0.57 8.71
CA GLY B 151 13.15 0.07 9.78
C GLY B 151 14.48 -0.61 9.96
N PRO B 152 15.28 -0.16 10.91
CA PRO B 152 16.56 -0.83 11.20
C PRO B 152 16.32 -2.31 11.46
N ASN B 153 17.12 -3.17 10.82
CA ASN B 153 17.04 -4.60 11.10
C ASN B 153 17.62 -4.91 12.47
N GLN B 154 16.90 -5.68 13.27
CA GLN B 154 17.37 -6.15 14.57
C GLN B 154 18.17 -7.42 14.31
N GLU B 155 19.48 -7.25 14.20
CA GLU B 155 20.38 -8.32 13.81
C GLU B 155 20.38 -9.48 14.80
N ALA B 156 20.06 -9.21 16.06
CA ALA B 156 19.96 -10.25 17.09
C ALA B 156 18.99 -11.35 16.70
N PHE B 157 17.95 -11.00 15.94
CA PHE B 157 16.88 -11.93 15.63
C PHE B 157 16.96 -12.53 14.22
N GLY B 158 17.51 -11.78 13.27
CA GLY B 158 17.60 -12.27 11.92
C GLY B 158 18.25 -11.31 10.96
N THR B 159 18.16 -11.68 9.68
CA THR B 159 18.88 -11.00 8.61
C THR B 159 18.05 -9.87 8.01
N ARG B 160 18.73 -8.98 7.29
CA ARG B 160 18.08 -7.80 6.70
C ARG B 160 17.01 -8.18 5.69
N PHE B 161 17.31 -9.12 4.80
CA PHE B 161 16.40 -9.50 3.71
C PHE B 161 16.02 -10.98 3.87
N PRO B 162 15.09 -11.29 4.77
CA PRO B 162 14.73 -12.69 4.97
C PRO B 162 14.04 -13.29 3.74
N ALA B 163 14.39 -14.52 3.41
CA ALA B 163 13.73 -15.28 2.37
C ALA B 163 12.50 -15.90 3.01
N LEU B 164 11.45 -16.06 2.21
CA LEU B 164 10.20 -16.61 2.70
C LEU B 164 9.91 -17.93 2.00
N SER B 165 10.99 -18.57 1.54
CA SER B 165 10.93 -19.94 1.04
C SER B 165 10.63 -20.88 2.20
N ASN B 166 9.68 -21.78 1.97
CA ASN B 166 9.19 -22.68 3.01
C ASN B 166 8.73 -21.92 4.26
N ALA B 167 8.11 -20.76 4.07
CA ALA B 167 7.59 -19.99 5.21
C ALA B 167 6.61 -20.85 6.03
N TYR B 168 5.76 -21.58 5.31
CA TYR B 168 4.78 -22.48 5.93
C TYR B 168 5.35 -23.88 5.85
N ASP B 169 6.07 -24.24 6.90
CA ASP B 169 6.86 -25.47 6.93
C ASP B 169 6.12 -26.65 6.30
N ARG B 170 6.68 -27.20 5.23
CA ARG B 170 5.99 -28.21 4.44
C ARG B 170 5.77 -29.52 5.21
N ASP B 171 6.68 -29.85 6.12
CA ASP B 171 6.53 -31.05 6.95
C ASP B 171 5.44 -30.89 7.99
N LEU B 172 5.30 -29.69 8.56
CA LEU B 172 4.19 -29.41 9.46
C LEU B 172 2.85 -29.44 8.73
N ARG B 173 2.82 -29.00 7.47
CA ARG B 173 1.60 -29.07 6.65
C ARG B 173 1.23 -30.52 6.36
N LYS B 174 2.24 -31.32 6.04
CA LYS B 174 2.01 -32.74 5.76
C LYS B 174 1.41 -33.42 6.99
N LEU B 175 1.96 -33.10 8.16
CA LEU B 175 1.49 -33.70 9.41
C LEU B 175 0.06 -33.30 9.72
N ALA B 176 -0.28 -32.04 9.43
CA ALA B 176 -1.60 -31.50 9.73
C ALA B 176 -2.66 -32.18 8.87
N VAL B 177 -2.34 -32.40 7.60
CA VAL B 177 -3.27 -33.05 6.69
C VAL B 177 -3.46 -34.50 7.09
N GLN B 178 -2.37 -35.16 7.46
CA GLN B 178 -2.42 -36.56 7.89
C GLN B 178 -3.29 -36.73 9.14
N VAL B 179 -3.17 -35.80 10.09
CA VAL B 179 -3.94 -35.87 11.33
C VAL B 179 -5.43 -35.69 11.03
N ALA B 180 -5.74 -34.78 10.11
CA ALA B 180 -7.13 -34.54 9.71
C ALA B 180 -7.71 -35.77 9.01
N GLU B 181 -6.94 -36.37 8.11
CA GLU B 181 -7.40 -37.54 7.37
C GLU B 181 -7.72 -38.72 8.29
N GLU B 182 -6.85 -38.97 9.27
CA GLU B 182 -7.00 -40.13 10.16
C GLU B 182 -8.05 -39.92 11.25
N ASN B 183 -8.49 -38.67 11.45
CA ASN B 183 -9.54 -38.35 12.40
C ASN B 183 -10.88 -38.00 11.73
N GLY B 184 -10.97 -38.23 10.42
CA GLY B 184 -12.24 -38.22 9.73
C GLY B 184 -12.78 -36.89 9.26
N PHE B 185 -11.94 -35.85 9.22
CA PHE B 185 -12.36 -34.56 8.69
C PHE B 185 -11.38 -34.01 7.65
N GLY B 186 -10.73 -34.91 6.90
CA GLY B 186 -9.88 -34.53 5.79
C GLY B 186 -10.61 -33.81 4.66
N ASN B 187 -11.90 -34.11 4.53
CA ASN B 187 -12.78 -33.43 3.57
C ASN B 187 -12.97 -31.92 3.81
N LEU B 188 -12.68 -31.45 5.02
CA LEU B 188 -12.74 -30.03 5.34
C LEU B 188 -11.44 -29.30 5.06
N VAL B 189 -10.35 -30.05 4.89
CA VAL B 189 -9.01 -29.46 4.86
C VAL B 189 -8.48 -29.22 3.44
N HIS B 190 -8.07 -27.98 3.18
CA HIS B 190 -7.48 -27.55 1.93
C HIS B 190 -6.15 -26.90 2.23
N GLN B 191 -5.35 -26.70 1.20
CA GLN B 191 -4.13 -25.91 1.33
C GLN B 191 -4.13 -24.83 0.28
N GLY B 192 -3.85 -23.60 0.69
CA GLY B 192 -3.94 -22.49 -0.23
C GLY B 192 -3.11 -21.29 0.13
N VAL B 193 -3.31 -20.26 -0.67
CA VAL B 193 -2.58 -19.01 -0.58
C VAL B 193 -3.48 -18.01 0.12
N TYR B 194 -2.95 -17.40 1.17
CA TYR B 194 -3.64 -16.37 1.91
C TYR B 194 -3.10 -15.00 1.49
N VAL B 195 -4.01 -14.07 1.21
CA VAL B 195 -3.64 -12.69 0.94
C VAL B 195 -4.12 -11.81 2.08
N MET B 196 -3.27 -10.88 2.49
CA MET B 196 -3.63 -9.94 3.54
C MET B 196 -4.21 -8.66 2.98
N ASN B 197 -5.44 -8.37 3.39
CA ASN B 197 -6.07 -7.06 3.26
C ASN B 197 -5.86 -6.36 4.59
N GLY B 198 -5.17 -5.23 4.58
CA GLY B 198 -4.90 -4.47 5.80
C GLY B 198 -6.16 -4.27 6.63
N GLY B 199 -7.28 -4.03 5.97
CA GLY B 199 -8.57 -3.92 6.64
C GLY B 199 -8.76 -2.54 7.25
N PRO B 200 -9.82 -2.32 8.02
CA PRO B 200 -10.74 -3.37 8.49
C PRO B 200 -12.02 -3.56 7.66
N CYS B 201 -12.17 -2.87 6.53
CA CYS B 201 -13.27 -3.16 5.62
C CYS B 201 -13.18 -4.56 5.04
N TYR B 202 -14.32 -5.22 4.96
CA TYR B 202 -14.41 -6.41 4.12
C TYR B 202 -14.14 -6.00 2.67
N GLU B 203 -13.76 -6.98 1.88
CA GLU B 203 -13.30 -6.75 0.52
C GLU B 203 -14.54 -6.57 -0.35
N THR B 204 -14.47 -5.66 -1.32
CA THR B 204 -15.56 -5.46 -2.26
C THR B 204 -15.56 -6.60 -3.26
N PRO B 205 -16.66 -6.75 -4.00
CA PRO B 205 -16.68 -7.76 -5.08
C PRO B 205 -15.55 -7.59 -6.08
N ALA B 206 -15.25 -6.35 -6.48
CA ALA B 206 -14.17 -6.10 -7.43
C ALA B 206 -12.82 -6.46 -6.82
N GLU B 207 -12.66 -6.19 -5.52
CA GLU B 207 -11.44 -6.55 -4.83
C GLU B 207 -11.30 -8.07 -4.77
N CYS B 208 -12.38 -8.76 -4.43
CA CYS B 208 -12.35 -10.22 -4.34
C CYS B 208 -12.00 -10.86 -5.69
N THR B 209 -12.59 -10.33 -6.76
CA THR B 209 -12.34 -10.83 -8.10
C THR B 209 -10.88 -10.62 -8.48
N MET B 210 -10.33 -9.45 -8.17
CA MET B 210 -8.92 -9.17 -8.41
C MET B 210 -8.03 -10.16 -7.64
N LEU B 211 -8.33 -10.37 -6.37
CA LEU B 211 -7.50 -11.21 -5.51
C LEU B 211 -7.55 -12.66 -5.96
N LEU B 212 -8.74 -13.12 -6.33
CA LEU B 212 -8.89 -14.48 -6.85
C LEU B 212 -8.04 -14.63 -8.11
N ASN B 213 -8.06 -13.64 -8.98
CA ASN B 213 -7.30 -13.70 -10.24
C ASN B 213 -5.78 -13.55 -10.05
N MET B 214 -5.36 -13.06 -8.89
CA MET B 214 -3.94 -13.02 -8.51
C MET B 214 -3.45 -14.39 -8.01
N GLY B 215 -4.37 -15.32 -7.81
CA GLY B 215 -4.02 -16.65 -7.33
C GLY B 215 -4.24 -16.86 -5.85
N CYS B 216 -5.09 -16.03 -5.24
CA CYS B 216 -5.35 -16.13 -3.81
C CYS B 216 -6.56 -17.02 -3.55
N ASP B 217 -6.47 -17.84 -2.52
CA ASP B 217 -7.56 -18.73 -2.14
C ASP B 217 -8.41 -18.19 -0.99
N VAL B 218 -7.78 -17.52 -0.04
CA VAL B 218 -8.48 -16.88 1.07
C VAL B 218 -7.88 -15.49 1.32
N VAL B 219 -8.70 -14.60 1.86
CA VAL B 219 -8.27 -13.25 2.22
C VAL B 219 -8.63 -12.98 3.68
N GLY B 220 -7.69 -12.39 4.41
CA GLY B 220 -7.93 -11.97 5.78
C GLY B 220 -7.08 -10.77 6.14
N MET B 221 -7.17 -10.36 7.40
CA MET B 221 -6.60 -9.08 7.83
C MET B 221 -5.49 -9.21 8.87
N SER B 222 -4.90 -10.38 8.95
CA SER B 222 -3.93 -10.66 10.01
C SER B 222 -2.87 -11.66 9.57
N THR B 223 -2.09 -12.12 10.55
CA THR B 223 -1.28 -13.33 10.45
C THR B 223 0.04 -13.14 9.75
N ILE B 224 0.02 -12.64 8.52
CA ILE B 224 1.27 -12.50 7.77
C ILE B 224 2.37 -11.74 8.56
N PRO B 225 2.06 -10.62 9.22
CA PRO B 225 3.10 -9.90 9.97
C PRO B 225 3.76 -10.78 11.03
N GLU B 226 2.96 -11.55 11.75
CA GLU B 226 3.49 -12.50 12.76
C GLU B 226 4.35 -13.57 12.11
N VAL B 227 3.91 -14.07 10.96
CA VAL B 227 4.64 -15.10 10.22
C VAL B 227 6.00 -14.58 9.76
N VAL B 228 6.04 -13.34 9.27
CA VAL B 228 7.29 -12.72 8.83
C VAL B 228 8.28 -12.58 9.99
N ILE B 229 7.82 -12.14 11.15
CA ILE B 229 8.68 -12.00 12.31
C ILE B 229 9.19 -13.38 12.76
N ALA B 230 8.33 -14.39 12.69
CA ALA B 230 8.68 -15.75 13.12
C ALA B 230 9.74 -16.34 12.22
N ARG B 231 9.55 -16.21 10.92
CA ARG B 231 10.52 -16.70 9.94
C ARG B 231 11.84 -15.95 10.04
N HIS B 232 11.75 -14.63 10.26
CA HIS B 232 12.94 -13.80 10.41
C HIS B 232 13.84 -14.35 11.52
N CYS B 233 13.24 -14.78 12.63
CA CYS B 233 14.01 -15.32 13.76
C CYS B 233 14.10 -16.86 13.85
N GLY B 234 13.63 -17.55 12.81
CA GLY B 234 13.89 -18.98 12.65
C GLY B 234 12.93 -19.91 13.37
N ILE B 235 11.71 -19.44 13.62
CA ILE B 235 10.65 -20.26 14.17
C ILE B 235 9.86 -20.87 13.01
N GLN B 236 9.63 -22.17 13.06
CA GLN B 236 8.83 -22.86 12.06
C GLN B 236 7.38 -22.45 12.24
N VAL B 237 6.64 -22.31 11.13
CA VAL B 237 5.28 -21.81 11.19
C VAL B 237 4.27 -22.78 10.57
N PHE B 238 3.17 -22.97 11.30
CA PHE B 238 1.97 -23.61 10.80
C PHE B 238 0.82 -22.65 11.00
N ALA B 239 0.11 -22.36 9.93
CA ALA B 239 -1.00 -21.41 9.97
C ALA B 239 -2.20 -21.97 9.21
N VAL B 240 -3.39 -21.79 9.79
CA VAL B 240 -4.64 -22.24 9.19
C VAL B 240 -5.69 -21.14 9.25
N SER B 241 -6.39 -20.91 8.15
CA SER B 241 -7.56 -20.05 8.10
C SER B 241 -8.84 -20.87 8.23
N LEU B 242 -9.73 -20.43 9.10
CA LEU B 242 -11.12 -20.87 9.09
C LEU B 242 -11.89 -19.99 8.12
N VAL B 243 -12.56 -20.60 7.15
CA VAL B 243 -13.38 -19.87 6.19
C VAL B 243 -14.66 -19.42 6.89
N THR B 244 -14.72 -18.15 7.30
CA THR B 244 -15.86 -17.60 8.03
C THR B 244 -16.84 -16.80 7.17
N ASN B 245 -16.46 -16.55 5.92
CA ASN B 245 -17.35 -15.91 4.95
C ASN B 245 -16.98 -16.35 3.54
N ILE B 246 -17.99 -16.46 2.67
CA ILE B 246 -17.73 -16.76 1.27
C ILE B 246 -17.83 -15.46 0.51
N SER B 247 -16.72 -15.09 -0.14
CA SER B 247 -16.63 -13.83 -0.86
C SER B 247 -17.64 -13.75 -2.00
N VAL B 248 -18.33 -12.61 -2.08
CA VAL B 248 -19.19 -12.31 -3.21
C VAL B 248 -18.34 -11.59 -4.25
N LEU B 249 -18.43 -12.04 -5.50
CA LEU B 249 -17.52 -11.60 -6.58
C LEU B 249 -18.12 -10.58 -7.54
N ASP B 250 -19.44 -10.40 -7.48
CA ASP B 250 -20.16 -9.48 -8.36
C ASP B 250 -21.13 -8.61 -7.55
N VAL B 251 -21.21 -7.32 -7.89
CA VAL B 251 -22.11 -6.41 -7.19
C VAL B 251 -23.57 -6.81 -7.40
N GLU B 252 -24.46 -6.20 -6.61
CA GLU B 252 -25.89 -6.55 -6.51
C GLU B 252 -26.15 -7.54 -5.36
N SER B 253 -25.18 -7.62 -4.43
CA SER B 253 -25.25 -8.54 -3.30
C SER B 253 -25.89 -7.85 -2.09
N GLU B 260 -21.07 -11.90 13.22
CA GLU B 260 -22.37 -12.51 13.45
C GLU B 260 -22.46 -13.85 12.73
N GLU B 261 -22.36 -13.82 11.40
CA GLU B 261 -22.22 -15.04 10.62
C GLU B 261 -20.77 -15.52 10.75
N VAL B 262 -19.85 -14.56 10.76
CA VAL B 262 -18.43 -14.81 10.98
C VAL B 262 -18.17 -15.33 12.40
N LEU B 263 -18.77 -14.68 13.39
CA LEU B 263 -18.61 -15.08 14.78
C LEU B 263 -19.27 -16.42 15.08
N ALA B 264 -20.35 -16.73 14.35
CA ALA B 264 -21.05 -18.00 14.51
C ALA B 264 -20.22 -19.16 13.95
N THR B 265 -19.56 -18.94 12.82
CA THR B 265 -18.75 -19.99 12.19
C THR B 265 -17.55 -20.35 13.07
N GLY B 266 -16.90 -19.34 13.64
CA GLY B 266 -15.80 -19.54 14.56
C GLY B 266 -16.19 -20.34 15.79
N ALA B 267 -17.30 -19.96 16.41
CA ALA B 267 -17.80 -20.65 17.60
C ALA B 267 -18.22 -22.10 17.30
N GLN B 268 -18.72 -22.34 16.09
CA GLN B 268 -19.18 -23.68 15.71
C GLN B 268 -18.02 -24.63 15.39
N ARG B 269 -16.97 -24.09 14.76
CA ARG B 269 -15.84 -24.90 14.32
C ARG B 269 -14.69 -24.88 15.33
N ALA B 270 -14.88 -24.14 16.42
CA ALA B 270 -13.84 -23.98 17.44
C ALA B 270 -13.40 -25.30 18.02
N GLU B 271 -14.36 -26.15 18.37
CA GLU B 271 -14.04 -27.44 19.00
C GLU B 271 -13.21 -28.32 18.09
N LEU B 272 -13.61 -28.42 16.83
CA LEU B 272 -12.91 -29.28 15.89
C LEU B 272 -11.50 -28.77 15.61
N MET B 273 -11.36 -27.46 15.41
CA MET B 273 -10.04 -26.90 15.14
C MET B 273 -9.14 -27.09 16.34
N GLN B 274 -9.70 -26.87 17.54
CA GLN B 274 -8.96 -27.09 18.78
C GLN B 274 -8.49 -28.53 18.88
N SER B 275 -9.38 -29.47 18.59
CA SER B 275 -9.05 -30.91 18.60
C SER B 275 -7.93 -31.21 17.62
N TRP B 276 -8.02 -30.62 16.45
CA TRP B 276 -7.03 -30.81 15.39
C TRP B 276 -5.65 -30.33 15.82
N PHE B 277 -5.58 -29.14 16.41
CA PHE B 277 -4.31 -28.58 16.89
C PHE B 277 -3.71 -29.44 17.99
N GLU B 278 -4.55 -29.92 18.90
CA GLU B 278 -4.08 -30.76 20.01
C GLU B 278 -3.50 -32.06 19.46
N LYS B 279 -4.15 -32.64 18.46
CA LYS B 279 -3.73 -33.91 17.86
C LYS B 279 -2.49 -33.74 16.99
N ILE B 280 -2.28 -32.55 16.43
CA ILE B 280 -1.05 -32.26 15.69
C ILE B 280 0.12 -32.21 16.66
N ILE B 281 -0.06 -31.50 17.78
CA ILE B 281 0.99 -31.34 18.78
C ILE B 281 1.40 -32.71 19.34
N GLU B 282 0.43 -33.62 19.41
CA GLU B 282 0.66 -34.98 19.88
C GLU B 282 1.60 -35.76 18.95
N LYS B 283 1.45 -35.55 17.65
CA LYS B 283 2.23 -36.29 16.65
C LYS B 283 3.49 -35.57 16.16
N LEU B 284 3.83 -34.43 16.77
CA LEU B 284 5.04 -33.69 16.38
C LEU B 284 6.30 -34.48 16.73
N PRO B 285 7.36 -34.35 15.92
CA PRO B 285 8.64 -35.02 16.21
C PRO B 285 9.32 -34.55 17.51
N LYS B 286 9.70 -35.49 18.37
CA LYS B 286 10.29 -35.18 19.67
C LYS B 286 11.78 -34.87 19.59
N ASP B 287 12.44 -35.31 18.52
CA ASP B 287 13.89 -35.18 18.38
C ASP B 287 14.28 -33.93 17.60
N SER C 4 -4.76 17.52 12.94
CA SER C 4 -6.20 17.15 12.84
C SER C 4 -6.73 16.64 14.19
N VAL C 5 -7.96 17.00 14.53
CA VAL C 5 -8.62 16.44 15.70
C VAL C 5 -9.19 15.08 15.33
N THR C 6 -9.17 14.14 16.27
CA THR C 6 -9.72 12.81 16.05
C THR C 6 -11.17 12.93 15.65
N ALA C 7 -11.57 12.21 14.60
CA ALA C 7 -12.94 12.16 14.12
C ALA C 7 -13.78 11.23 15.00
N ASN C 8 -13.73 11.44 16.32
CA ASN C 8 -14.53 10.68 17.26
C ASN C 8 -15.86 11.39 17.50
N ILE C 9 -16.78 10.73 18.20
CA ILE C 9 -18.11 11.27 18.41
C ILE C 9 -18.06 12.61 19.14
N GLU C 10 -17.18 12.73 20.13
CA GLU C 10 -17.06 13.98 20.89
C GLU C 10 -16.74 15.17 19.98
N ASN C 11 -15.71 15.04 19.15
CA ASN C 11 -15.26 16.13 18.29
C ASN C 11 -16.21 16.40 17.14
N VAL C 12 -16.77 15.35 16.56
CA VAL C 12 -17.75 15.49 15.48
C VAL C 12 -18.99 16.21 16.02
N LYS C 13 -19.42 15.88 17.24
CA LYS C 13 -20.58 16.52 17.87
C LYS C 13 -20.35 18.02 18.05
N LYS C 14 -19.17 18.39 18.55
CA LYS C 14 -18.83 19.79 18.77
C LYS C 14 -18.92 20.59 17.48
N VAL C 15 -18.40 20.03 16.40
CA VAL C 15 -18.40 20.69 15.10
C VAL C 15 -19.82 20.81 14.56
N ALA C 16 -20.58 19.72 14.65
CA ALA C 16 -21.95 19.70 14.17
C ALA C 16 -22.80 20.70 14.94
N HIS C 17 -22.62 20.75 16.26
CA HIS C 17 -23.38 21.65 17.13
C HIS C 17 -23.06 23.10 16.82
N HIS C 18 -21.80 23.37 16.48
CA HIS C 18 -21.38 24.70 16.08
C HIS C 18 -22.05 25.11 14.78
N ILE C 19 -22.12 24.18 13.83
CA ILE C 19 -22.74 24.44 12.53
C ILE C 19 -24.24 24.68 12.70
N GLN C 20 -24.86 23.93 13.61
CA GLN C 20 -26.31 24.03 13.83
C GLN C 20 -26.72 25.38 14.46
N LYS C 21 -25.76 26.08 15.06
CA LYS C 21 -25.97 27.46 15.52
C LYS C 21 -25.94 28.46 14.37
N LEU C 22 -25.16 28.15 13.33
CA LEU C 22 -24.98 29.04 12.18
C LEU C 22 -26.09 28.92 11.12
N THR C 23 -26.76 27.77 11.10
CA THR C 23 -27.83 27.51 10.14
C THR C 23 -28.87 26.56 10.73
N SER C 24 -30.13 26.78 10.36
CA SER C 24 -31.24 25.93 10.78
C SER C 24 -31.54 24.83 9.76
N ILE C 25 -30.82 24.83 8.64
CA ILE C 25 -31.07 23.88 7.56
C ILE C 25 -30.55 22.51 7.96
N VAL C 26 -31.44 21.52 7.94
CA VAL C 26 -31.09 20.13 8.23
C VAL C 26 -30.93 19.41 6.88
N PRO C 27 -29.69 19.25 6.42
CA PRO C 27 -29.49 18.66 5.09
C PRO C 27 -29.81 17.16 5.07
N GLU C 28 -30.45 16.70 4.01
CA GLU C 28 -30.69 15.28 3.78
C GLU C 28 -29.73 14.70 2.73
N ILE C 29 -29.16 15.56 1.89
CA ILE C 29 -28.20 15.16 0.86
C ILE C 29 -26.92 15.94 1.07
N GLY C 30 -25.79 15.26 1.11
CA GLY C 30 -24.49 15.92 1.11
C GLY C 30 -23.87 15.77 -0.26
N ILE C 31 -23.23 16.81 -0.75
CA ILE C 31 -22.58 16.76 -2.06
C ILE C 31 -21.14 17.23 -1.94
N ILE C 32 -20.21 16.39 -2.37
CA ILE C 32 -18.79 16.77 -2.43
C ILE C 32 -18.44 17.08 -3.86
N CYS C 33 -18.01 18.32 -4.09
CA CYS C 33 -17.78 18.82 -5.42
C CYS C 33 -16.40 18.40 -5.90
N GLY C 34 -16.39 17.54 -6.89
CA GLY C 34 -15.19 17.25 -7.64
C GLY C 34 -15.33 17.82 -9.03
N SER C 35 -14.60 17.23 -9.96
CA SER C 35 -14.63 17.60 -11.36
C SER C 35 -16.08 17.65 -11.88
N GLY C 36 -16.40 18.74 -12.58
CA GLY C 36 -17.72 18.90 -13.15
C GLY C 36 -18.76 19.51 -12.23
N LEU C 37 -18.44 19.71 -10.96
CA LEU C 37 -19.43 20.24 -10.01
C LEU C 37 -19.01 21.60 -9.46
N GLY C 38 -18.16 22.30 -10.21
CA GLY C 38 -17.52 23.52 -9.75
C GLY C 38 -18.45 24.71 -9.56
N LYS C 39 -19.61 24.68 -10.22
CA LYS C 39 -20.59 25.74 -10.09
C LYS C 39 -21.91 25.24 -9.51
N LEU C 40 -21.88 24.10 -8.82
CA LEU C 40 -23.08 23.52 -8.22
C LEU C 40 -23.61 24.39 -7.09
N ALA C 41 -22.71 25.03 -6.35
CA ALA C 41 -23.07 25.91 -5.26
C ALA C 41 -23.90 27.13 -5.72
N ASP C 42 -23.69 27.57 -6.96
CA ASP C 42 -24.48 28.66 -7.54
C ASP C 42 -25.96 28.30 -7.66
N GLY C 43 -26.24 27.03 -7.93
CA GLY C 43 -27.60 26.56 -8.10
C GLY C 43 -28.37 26.41 -6.80
N VAL C 44 -27.66 26.40 -5.68
CA VAL C 44 -28.29 26.25 -4.37
C VAL C 44 -29.01 27.54 -4.00
N LYS C 45 -30.27 27.41 -3.61
CA LYS C 45 -31.12 28.56 -3.29
C LYS C 45 -31.31 28.69 -1.78
N ASP C 46 -31.71 29.88 -1.33
CA ASP C 46 -31.87 30.16 0.09
C ASP C 46 -30.68 29.64 0.89
N LYS C 47 -29.48 29.95 0.41
CA LYS C 47 -28.29 29.32 0.93
C LYS C 47 -27.59 30.14 2.02
N ILE C 48 -26.94 29.42 2.93
CA ILE C 48 -25.98 29.99 3.86
C ILE C 48 -24.63 29.36 3.54
N THR C 49 -23.64 30.20 3.32
CA THR C 49 -22.29 29.77 2.98
C THR C 49 -21.41 29.95 4.21
N ILE C 50 -20.86 28.84 4.71
CA ILE C 50 -20.02 28.85 5.90
C ILE C 50 -18.59 28.47 5.51
N PRO C 51 -17.69 29.44 5.45
CA PRO C 51 -16.28 29.12 5.20
C PRO C 51 -15.73 28.18 6.27
N TYR C 52 -14.84 27.26 5.90
CA TYR C 52 -14.25 26.32 6.84
C TYR C 52 -13.52 27.04 7.97
N THR C 53 -13.00 28.22 7.67
CA THR C 53 -12.33 29.07 8.67
C THR C 53 -13.25 29.50 9.82
N LYS C 54 -14.56 29.54 9.58
CA LYS C 54 -15.54 29.88 10.62
C LYS C 54 -16.07 28.67 11.42
N ILE C 55 -15.47 27.50 11.21
CA ILE C 55 -15.88 26.29 11.93
C ILE C 55 -14.69 25.76 12.75
N PRO C 56 -14.70 25.96 14.07
CA PRO C 56 -13.63 25.44 14.94
C PRO C 56 -13.46 23.93 14.82
N ASN C 57 -12.20 23.50 14.74
CA ASN C 57 -11.83 22.08 14.64
C ASN C 57 -12.24 21.38 13.35
N PHE C 58 -12.76 22.13 12.38
CA PHE C 58 -13.02 21.61 11.04
C PHE C 58 -11.74 21.79 10.22
N PRO C 59 -11.40 20.81 9.39
CA PRO C 59 -10.17 20.88 8.58
C PRO C 59 -10.10 22.10 7.66
N GLN C 60 -8.90 22.59 7.41
CA GLN C 60 -8.68 23.80 6.62
C GLN C 60 -8.00 23.49 5.29
N THR C 61 -8.56 24.01 4.19
CA THR C 61 -7.98 23.86 2.85
C THR C 61 -8.19 25.12 2.01
N HIS C 66 -8.86 30.95 -1.96
CA HIS C 66 -9.83 31.25 -0.92
C HIS C 66 -10.22 29.97 -0.16
N SER C 67 -10.72 30.15 1.06
CA SER C 67 -11.08 29.02 1.93
C SER C 67 -12.21 28.19 1.32
N GLY C 68 -12.19 26.90 1.61
CA GLY C 68 -13.29 26.02 1.26
C GLY C 68 -14.52 26.46 2.03
N ASN C 69 -15.69 26.06 1.54
CA ASN C 69 -16.97 26.42 2.15
C ASN C 69 -17.86 25.20 2.31
N LEU C 70 -18.70 25.24 3.34
CA LEU C 70 -19.87 24.37 3.48
C LEU C 70 -21.09 25.23 3.08
N ILE C 71 -21.85 24.80 2.07
CA ILE C 71 -23.01 25.56 1.62
C ILE C 71 -24.27 24.78 1.94
N PHE C 72 -25.17 25.38 2.72
CA PHE C 72 -26.43 24.77 3.07
C PHE C 72 -27.54 25.50 2.31
N GLY C 73 -28.55 24.77 1.87
CA GLY C 73 -29.64 25.37 1.12
C GLY C 73 -30.54 24.34 0.47
N THR C 74 -31.31 24.78 -0.50
CA THR C 74 -32.23 23.93 -1.22
C THR C 74 -31.76 23.75 -2.66
N LEU C 75 -31.71 22.51 -3.09
CA LEU C 75 -31.38 22.17 -4.46
C LEU C 75 -32.39 21.13 -4.92
N SER C 76 -33.03 21.39 -6.05
CA SER C 76 -34.05 20.49 -6.59
C SER C 76 -35.08 20.09 -5.53
N GLY C 77 -35.50 21.06 -4.73
CA GLY C 77 -36.53 20.88 -3.73
C GLY C 77 -36.12 20.09 -2.50
N ARG C 78 -34.82 19.88 -2.31
CA ARG C 78 -34.33 19.11 -1.18
C ARG C 78 -33.30 19.93 -0.40
N LYS C 79 -33.19 19.68 0.90
CA LYS C 79 -32.18 20.33 1.73
C LYS C 79 -30.83 19.65 1.53
N VAL C 80 -29.82 20.44 1.21
CA VAL C 80 -28.49 19.91 0.91
C VAL C 80 -27.40 20.63 1.68
N VAL C 81 -26.28 19.96 1.86
CA VAL C 81 -25.02 20.59 2.27
C VAL C 81 -24.00 20.26 1.19
N VAL C 82 -23.32 21.29 0.70
CA VAL C 82 -22.36 21.15 -0.39
C VAL C 82 -20.99 21.45 0.17
N MET C 83 -20.04 20.54 -0.06
CA MET C 83 -18.68 20.70 0.35
C MET C 83 -17.92 21.20 -0.87
N GLN C 84 -17.43 22.42 -0.76
CA GLN C 84 -16.63 23.07 -1.78
C GLN C 84 -15.24 23.19 -1.16
N GLY C 85 -14.34 22.30 -1.56
CA GLY C 85 -13.02 22.20 -0.97
C GLY C 85 -12.85 20.83 -0.36
N ARG C 86 -11.94 20.04 -0.92
CA ARG C 86 -11.71 18.66 -0.51
C ARG C 86 -10.35 18.47 0.13
N PHE C 87 -10.22 17.38 0.87
CA PHE C 87 -8.98 17.03 1.57
C PHE C 87 -8.43 15.72 1.01
N HIS C 88 -7.45 15.84 0.12
CA HIS C 88 -6.94 14.71 -0.62
C HIS C 88 -5.80 14.07 0.12
N MET C 89 -5.71 12.75 0.04
CA MET C 89 -4.66 12.04 0.76
C MET C 89 -3.29 12.32 0.18
N TYR C 90 -3.20 12.56 -1.13
CA TYR C 90 -1.91 12.89 -1.74
C TYR C 90 -1.37 14.24 -1.26
N GLU C 91 -2.22 15.09 -0.69
CA GLU C 91 -1.80 16.37 -0.12
C GLU C 91 -1.17 16.22 1.26
N GLY C 92 -1.30 15.04 1.86
CA GLY C 92 -0.70 14.75 3.15
C GLY C 92 -1.69 14.85 4.29
N TYR C 93 -2.98 14.97 3.98
CA TYR C 93 -3.99 15.04 5.02
C TYR C 93 -4.14 13.68 5.73
N SER C 94 -4.58 13.73 6.97
CA SER C 94 -4.74 12.54 7.78
C SER C 94 -6.08 11.88 7.53
N ASN C 95 -6.19 10.63 7.96
CA ASN C 95 -7.46 9.91 7.95
C ASN C 95 -8.56 10.67 8.69
N ASP C 96 -8.22 11.24 9.84
CA ASP C 96 -9.19 11.99 10.66
C ASP C 96 -9.69 13.22 9.95
N THR C 97 -8.81 13.87 9.19
CA THR C 97 -9.19 15.05 8.43
C THR C 97 -10.24 14.73 7.39
N VAL C 98 -10.07 13.60 6.70
CA VAL C 98 -10.98 13.22 5.64
C VAL C 98 -12.29 12.69 6.21
N ALA C 99 -12.20 11.99 7.34
CA ALA C 99 -13.38 11.33 7.93
C ALA C 99 -14.30 12.32 8.62
N LEU C 100 -13.74 13.36 9.24
CA LEU C 100 -14.55 14.22 10.11
C LEU C 100 -15.69 14.91 9.34
N PRO C 101 -15.44 15.51 8.18
CA PRO C 101 -16.54 16.16 7.45
C PRO C 101 -17.70 15.21 7.09
N ILE C 102 -17.40 13.95 6.77
CA ILE C 102 -18.44 12.98 6.44
C ILE C 102 -19.25 12.62 7.68
N ARG C 103 -18.57 12.48 8.79
CA ARG C 103 -19.23 12.15 10.05
C ARG C 103 -20.05 13.33 10.56
N VAL C 104 -19.59 14.54 10.31
CA VAL C 104 -20.37 15.74 10.58
C VAL C 104 -21.65 15.76 9.74
N MET C 105 -21.54 15.45 8.44
CA MET C 105 -22.73 15.31 7.60
C MET C 105 -23.71 14.33 8.23
N LYS C 106 -23.23 13.19 8.73
CA LYS C 106 -24.11 12.19 9.35
C LYS C 106 -24.91 12.80 10.52
N LEU C 107 -24.21 13.50 11.41
CA LEU C 107 -24.86 14.10 12.59
C LEU C 107 -25.83 15.21 12.21
N LEU C 108 -25.53 15.90 11.12
CA LEU C 108 -26.39 16.98 10.64
C LEU C 108 -27.69 16.49 10.01
N GLY C 109 -27.75 15.22 9.59
CA GLY C 109 -28.96 14.65 9.01
C GLY C 109 -28.81 14.05 7.62
N VAL C 110 -27.63 14.10 7.03
CA VAL C 110 -27.42 13.60 5.67
C VAL C 110 -27.71 12.09 5.56
N LYS C 111 -28.54 11.75 4.58
CA LYS C 111 -28.90 10.36 4.29
C LYS C 111 -28.24 9.83 3.03
N ILE C 112 -27.93 10.72 2.10
CA ILE C 112 -27.32 10.38 0.81
C ILE C 112 -26.15 11.30 0.55
N LEU C 113 -25.04 10.73 0.12
CA LEU C 113 -23.85 11.48 -0.25
C LEU C 113 -23.66 11.32 -1.75
N MET C 114 -23.57 12.43 -2.47
CA MET C 114 -23.28 12.44 -3.90
C MET C 114 -21.91 13.07 -4.11
N VAL C 115 -21.09 12.44 -4.93
CA VAL C 115 -19.71 12.88 -5.07
C VAL C 115 -19.26 12.72 -6.51
N SER C 116 -18.43 13.63 -6.98
CA SER C 116 -17.81 13.51 -8.30
C SER C 116 -16.30 13.58 -8.15
N ASN C 117 -15.62 13.11 -9.17
CA ASN C 117 -14.17 13.21 -9.24
C ASN C 117 -13.72 13.13 -10.68
N ALA C 118 -12.44 13.43 -10.90
CA ALA C 118 -11.80 13.26 -12.21
C ALA C 118 -11.04 11.94 -12.19
N ALA C 119 -11.10 11.20 -13.29
CA ALA C 119 -10.43 9.90 -13.38
C ALA C 119 -9.89 9.62 -14.77
N GLY C 120 -8.91 8.71 -14.82
CA GLY C 120 -8.37 8.23 -16.07
C GLY C 120 -9.15 7.03 -16.56
N GLY C 121 -9.44 7.00 -17.85
CA GLY C 121 -10.21 5.93 -18.45
C GLY C 121 -9.33 4.75 -18.82
N LEU C 122 -9.49 3.64 -18.10
CA LEU C 122 -8.78 2.40 -18.41
C LEU C 122 -9.55 1.59 -19.44
N ASN C 123 -10.83 1.39 -19.19
CA ASN C 123 -11.73 0.68 -20.09
C ASN C 123 -11.64 1.30 -21.48
N ARG C 124 -11.36 0.47 -22.49
CA ARG C 124 -11.01 0.95 -23.83
C ARG C 124 -12.22 1.49 -24.60
N SER C 125 -13.41 1.23 -24.10
CA SER C 125 -14.63 1.74 -24.71
C SER C 125 -14.96 3.17 -24.25
N LEU C 126 -14.24 3.68 -23.24
CA LEU C 126 -14.50 5.01 -22.71
C LEU C 126 -13.97 6.10 -23.63
N LYS C 127 -14.72 7.20 -23.70
CA LYS C 127 -14.30 8.38 -24.43
C LYS C 127 -14.05 9.51 -23.45
N LEU C 128 -13.12 10.39 -23.80
CA LEU C 128 -12.86 11.58 -23.02
C LEU C 128 -14.16 12.35 -22.78
N GLY C 129 -14.42 12.71 -21.52
CA GLY C 129 -15.61 13.44 -21.17
C GLY C 129 -16.81 12.58 -20.83
N ASP C 130 -16.64 11.25 -20.84
CA ASP C 130 -17.70 10.33 -20.44
C ASP C 130 -17.87 10.37 -18.93
N PHE C 131 -19.06 10.00 -18.48
CA PHE C 131 -19.35 9.89 -17.05
C PHE C 131 -19.34 8.40 -16.70
N VAL C 132 -18.58 8.01 -15.69
CA VAL C 132 -18.59 6.63 -15.24
C VAL C 132 -19.13 6.60 -13.82
N ILE C 133 -20.36 6.12 -13.68
CA ILE C 133 -20.96 5.90 -12.36
C ILE C 133 -20.19 4.78 -11.71
N LEU C 134 -19.73 5.02 -10.48
CA LEU C 134 -19.07 3.96 -9.72
C LEU C 134 -20.09 2.93 -9.27
N LYS C 135 -19.88 1.67 -9.64
CA LYS C 135 -20.67 0.56 -9.13
C LYS C 135 -19.88 -0.27 -8.12
N ASP C 136 -18.56 -0.09 -8.10
CA ASP C 136 -17.69 -0.77 -7.15
C ASP C 136 -16.34 -0.09 -7.16
N HIS C 137 -15.50 -0.50 -6.22
CA HIS C 137 -14.14 0.05 -6.17
C HIS C 137 -13.09 -0.97 -5.78
N ILE C 138 -11.85 -0.63 -6.07
CA ILE C 138 -10.69 -1.34 -5.54
C ILE C 138 -9.84 -0.32 -4.79
N TYR C 139 -9.74 -0.51 -3.49
CA TYR C 139 -9.10 0.46 -2.59
C TYR C 139 -7.66 0.02 -2.38
N LEU C 140 -6.78 0.32 -3.34
CA LEU C 140 -5.42 -0.16 -3.22
C LEU C 140 -4.75 0.28 -1.90
N PRO C 141 -4.87 1.55 -1.49
CA PRO C 141 -4.37 1.95 -0.18
C PRO C 141 -4.97 1.14 0.97
N GLY C 142 -6.25 0.82 0.92
CA GLY C 142 -6.91 0.08 1.99
C GLY C 142 -6.42 -1.35 2.11
N LEU C 143 -6.19 -2.02 0.98
CA LEU C 143 -5.67 -3.38 0.98
C LEU C 143 -4.25 -3.39 1.52
N GLY C 144 -3.54 -2.29 1.31
CA GLY C 144 -2.14 -2.15 1.69
C GLY C 144 -1.86 -1.53 3.06
N LEU C 145 -2.86 -1.49 3.92
CA LEU C 145 -2.74 -1.02 5.31
C LEU C 145 -2.81 0.51 5.50
N ASN C 146 -3.34 1.21 4.49
CA ASN C 146 -3.64 2.63 4.57
C ASN C 146 -5.14 2.92 4.43
N ASN C 147 -5.96 1.99 4.90
CA ASN C 147 -7.40 2.19 4.97
C ASN C 147 -7.71 3.31 5.96
N ILE C 148 -8.62 4.18 5.57
CA ILE C 148 -8.98 5.34 6.37
C ILE C 148 -9.48 4.95 7.78
N LEU C 149 -9.99 3.72 7.91
CA LEU C 149 -10.55 3.25 9.18
C LEU C 149 -9.55 2.60 10.14
N VAL C 150 -8.30 2.46 9.71
CA VAL C 150 -7.26 1.90 10.57
C VAL C 150 -7.21 2.72 11.86
N GLY C 151 -7.22 2.03 12.98
CA GLY C 151 -7.22 2.66 14.28
C GLY C 151 -8.40 2.16 15.09
N PRO C 152 -8.53 2.61 16.32
CA PRO C 152 -9.70 2.22 17.12
C PRO C 152 -10.99 2.53 16.38
N ASN C 153 -11.91 1.58 16.37
CA ASN C 153 -13.20 1.81 15.77
C ASN C 153 -14.05 2.76 16.63
N GLN C 154 -14.75 3.67 15.96
CA GLN C 154 -15.64 4.60 16.62
C GLN C 154 -17.04 3.99 16.54
N GLU C 155 -17.46 3.32 17.61
CA GLU C 155 -18.70 2.55 17.61
C GLU C 155 -19.96 3.40 17.52
N ALA C 156 -19.86 4.66 17.91
CA ALA C 156 -20.99 5.60 17.77
C ALA C 156 -21.37 5.75 16.30
N PHE C 157 -20.42 5.51 15.40
CA PHE C 157 -20.64 5.69 13.97
C PHE C 157 -20.91 4.39 13.24
N GLY C 158 -20.17 3.34 13.57
CA GLY C 158 -20.32 2.10 12.86
C GLY C 158 -19.57 0.95 13.46
N THR C 159 -19.59 -0.15 12.72
CA THR C 159 -19.01 -1.39 13.18
C THR C 159 -17.53 -1.50 12.83
N ARG C 160 -16.85 -2.44 13.45
CA ARG C 160 -15.41 -2.61 13.28
C ARG C 160 -15.04 -3.02 11.86
N PHE C 161 -15.78 -3.97 11.30
CA PHE C 161 -15.48 -4.53 9.98
C PHE C 161 -16.65 -4.28 9.05
N PRO C 162 -16.75 -3.08 8.50
CA PRO C 162 -17.90 -2.77 7.65
C PRO C 162 -17.86 -3.55 6.34
N ALA C 163 -19.04 -4.03 5.95
CA ALA C 163 -19.24 -4.65 4.66
C ALA C 163 -19.37 -3.54 3.63
N LEU C 164 -18.84 -3.77 2.46
CA LEU C 164 -18.96 -2.80 1.38
C LEU C 164 -19.85 -3.35 0.28
N SER C 165 -20.73 -4.27 0.67
CA SER C 165 -21.82 -4.72 -0.20
C SER C 165 -22.79 -3.57 -0.48
N ASN C 166 -23.12 -3.40 -1.75
CA ASN C 166 -23.98 -2.32 -2.20
C ASN C 166 -23.44 -0.98 -1.73
N ALA C 167 -22.11 -0.83 -1.69
CA ALA C 167 -21.49 0.46 -1.32
C ALA C 167 -22.00 1.61 -2.20
N TYR C 168 -22.19 1.33 -3.48
CA TYR C 168 -22.66 2.31 -4.45
C TYR C 168 -24.10 1.94 -4.74
N ASP C 169 -24.99 2.57 -3.98
CA ASP C 169 -26.38 2.16 -3.91
C ASP C 169 -26.97 1.86 -5.29
N ARG C 170 -27.48 0.64 -5.45
CA ARG C 170 -27.90 0.17 -6.78
C ARG C 170 -29.11 0.95 -7.29
N ASP C 171 -29.98 1.38 -6.37
CA ASP C 171 -31.17 2.13 -6.74
C ASP C 171 -30.83 3.55 -7.19
N LEU C 172 -29.86 4.19 -6.54
CA LEU C 172 -29.36 5.50 -7.01
C LEU C 172 -28.69 5.36 -8.36
N ARG C 173 -27.97 4.28 -8.58
CA ARG C 173 -27.30 4.08 -9.87
C ARG C 173 -28.35 3.94 -10.96
N LYS C 174 -29.40 3.18 -10.68
CA LYS C 174 -30.45 2.93 -11.66
C LYS C 174 -31.13 4.25 -12.02
N LEU C 175 -31.39 5.07 -11.01
CA LEU C 175 -32.02 6.36 -11.22
C LEU C 175 -31.14 7.30 -12.05
N ALA C 176 -29.86 7.39 -11.71
CA ALA C 176 -28.92 8.21 -12.46
C ALA C 176 -28.90 7.83 -13.93
N VAL C 177 -28.90 6.54 -14.23
CA VAL C 177 -28.87 6.08 -15.62
C VAL C 177 -30.16 6.49 -16.31
N GLN C 178 -31.29 6.31 -15.63
CA GLN C 178 -32.60 6.67 -16.18
C GLN C 178 -32.70 8.14 -16.50
N VAL C 179 -32.17 8.98 -15.61
CA VAL C 179 -32.20 10.42 -15.81
C VAL C 179 -31.33 10.83 -17.02
N ALA C 180 -30.16 10.21 -17.16
CA ALA C 180 -29.29 10.48 -18.30
C ALA C 180 -29.99 10.10 -19.61
N GLU C 181 -30.58 8.91 -19.64
CA GLU C 181 -31.26 8.41 -20.82
C GLU C 181 -32.44 9.30 -21.19
N GLU C 182 -33.21 9.72 -20.19
CA GLU C 182 -34.40 10.55 -20.41
C GLU C 182 -34.05 11.94 -20.93
N ASN C 183 -32.85 12.42 -20.61
CA ASN C 183 -32.43 13.77 -20.96
C ASN C 183 -31.44 13.82 -22.13
N GLY C 184 -31.27 12.69 -22.80
CA GLY C 184 -30.59 12.64 -24.08
C GLY C 184 -29.08 12.55 -24.01
N PHE C 185 -28.53 12.20 -22.84
CA PHE C 185 -27.09 11.95 -22.75
C PHE C 185 -26.75 10.59 -22.12
N GLY C 186 -27.64 9.61 -22.30
CA GLY C 186 -27.35 8.24 -21.90
C GLY C 186 -26.11 7.64 -22.55
N ASN C 187 -25.80 8.11 -23.75
CA ASN C 187 -24.62 7.65 -24.50
C ASN C 187 -23.27 8.03 -23.87
N LEU C 188 -23.28 9.03 -22.99
CA LEU C 188 -22.08 9.46 -22.28
C LEU C 188 -21.88 8.70 -20.97
N VAL C 189 -22.92 8.02 -20.50
CA VAL C 189 -22.94 7.40 -19.18
C VAL C 189 -22.64 5.90 -19.19
N HIS C 190 -21.69 5.51 -18.34
CA HIS C 190 -21.29 4.13 -18.13
C HIS C 190 -21.34 3.86 -16.62
N GLN C 191 -21.25 2.58 -16.26
CA GLN C 191 -21.01 2.19 -14.86
C GLN C 191 -19.74 1.36 -14.86
N GLY C 192 -18.95 1.49 -13.80
CA GLY C 192 -17.64 0.87 -13.77
C GLY C 192 -17.01 0.77 -12.40
N VAL C 193 -15.87 0.11 -12.38
CA VAL C 193 -15.10 -0.12 -11.17
C VAL C 193 -14.01 0.96 -11.12
N TYR C 194 -13.94 1.66 -10.00
CA TYR C 194 -12.94 2.70 -9.80
C TYR C 194 -11.84 2.14 -8.92
N VAL C 195 -10.59 2.31 -9.33
CA VAL C 195 -9.46 1.95 -8.49
C VAL C 195 -8.76 3.21 -8.03
N MET C 196 -8.42 3.26 -6.74
CA MET C 196 -7.70 4.39 -6.20
C MET C 196 -6.20 4.19 -6.28
N ASN C 197 -5.56 5.09 -6.99
CA ASN C 197 -4.13 5.31 -6.96
C ASN C 197 -3.90 6.42 -5.94
N GLY C 198 -3.17 6.13 -4.86
CA GLY C 198 -2.86 7.13 -3.86
C GLY C 198 -2.35 8.43 -4.45
N GLY C 199 -1.54 8.33 -5.50
CA GLY C 199 -1.03 9.49 -6.21
C GLY C 199 0.11 10.17 -5.47
N PRO C 200 0.51 11.36 -5.89
CA PRO C 200 -0.13 12.17 -6.93
C PRO C 200 0.39 11.96 -8.36
N CYS C 201 1.29 11.02 -8.59
CA CYS C 201 1.72 10.72 -9.95
C CYS C 201 0.59 10.14 -10.76
N TYR C 202 0.49 10.55 -12.01
CA TYR C 202 -0.32 9.79 -12.96
C TYR C 202 0.25 8.39 -13.10
N GLU C 203 -0.58 7.48 -13.58
CA GLU C 203 -0.24 6.07 -13.67
C GLU C 203 0.65 5.83 -14.87
N THR C 204 1.64 4.96 -14.71
CA THR C 204 2.49 4.56 -15.84
C THR C 204 1.70 3.68 -16.76
N PRO C 205 2.16 3.52 -17.99
CA PRO C 205 1.54 2.55 -18.89
C PRO C 205 1.47 1.12 -18.32
N ALA C 206 2.54 0.66 -17.67
CA ALA C 206 2.56 -0.65 -17.04
C ALA C 206 1.53 -0.73 -15.92
N GLU C 207 1.42 0.34 -15.14
CA GLU C 207 0.45 0.41 -14.06
C GLU C 207 -0.97 0.38 -14.63
N CYS C 208 -1.23 1.17 -15.67
CA CYS C 208 -2.56 1.18 -16.28
C CYS C 208 -2.94 -0.18 -16.84
N THR C 209 -2.00 -0.86 -17.47
CA THR C 209 -2.23 -2.19 -18.02
C THR C 209 -2.59 -3.19 -16.92
N MET C 210 -1.81 -3.16 -15.83
CA MET C 210 -2.09 -3.97 -14.65
C MET C 210 -3.50 -3.73 -14.14
N LEU C 211 -3.88 -2.45 -14.02
CA LEU C 211 -5.15 -2.07 -13.42
C LEU C 211 -6.34 -2.48 -14.28
N LEU C 212 -6.19 -2.30 -15.59
CA LEU C 212 -7.20 -2.73 -16.54
C LEU C 212 -7.41 -4.24 -16.41
N ASN C 213 -6.32 -4.98 -16.26
CA ASN C 213 -6.38 -6.43 -16.17
C ASN C 213 -6.87 -6.94 -14.81
N MET C 214 -6.82 -6.08 -13.80
CA MET C 214 -7.43 -6.35 -12.49
C MET C 214 -8.95 -6.17 -12.52
N GLY C 215 -9.46 -5.60 -13.61
CA GLY C 215 -10.89 -5.41 -13.80
C GLY C 215 -11.37 -4.01 -13.49
N CYS C 216 -10.47 -3.03 -13.57
CA CYS C 216 -10.79 -1.64 -13.27
C CYS C 216 -11.15 -0.90 -14.54
N ASP C 217 -12.18 -0.07 -14.45
CA ASP C 217 -12.61 0.74 -15.58
C ASP C 217 -12.05 2.16 -15.57
N VAL C 218 -11.91 2.74 -14.38
CA VAL C 218 -11.29 4.06 -14.23
C VAL C 218 -10.36 4.05 -13.04
N VAL C 219 -9.37 4.94 -13.07
CA VAL C 219 -8.43 5.12 -11.98
C VAL C 219 -8.39 6.58 -11.56
N GLY C 220 -8.46 6.82 -10.25
CA GLY C 220 -8.34 8.18 -9.72
C GLY C 220 -7.64 8.19 -8.37
N MET C 221 -7.53 9.39 -7.79
CA MET C 221 -6.70 9.58 -6.61
C MET C 221 -7.50 9.99 -5.36
N SER C 222 -8.79 9.71 -5.35
CA SER C 222 -9.64 10.20 -4.26
C SER C 222 -10.87 9.33 -4.04
N THR C 223 -11.80 9.89 -3.26
CA THR C 223 -13.17 9.44 -3.17
C THR C 223 -13.42 8.19 -2.34
N ILE C 224 -12.67 7.12 -2.58
CA ILE C 224 -12.90 5.88 -1.85
C ILE C 224 -12.85 6.10 -0.33
N PRO C 225 -11.89 6.86 0.21
CA PRO C 225 -11.87 7.07 1.67
C PRO C 225 -13.17 7.67 2.19
N GLU C 226 -13.73 8.65 1.48
CA GLU C 226 -14.99 9.24 1.91
C GLU C 226 -16.12 8.22 1.82
N VAL C 227 -16.09 7.40 0.77
CA VAL C 227 -17.12 6.38 0.56
C VAL C 227 -17.11 5.40 1.72
N VAL C 228 -15.91 5.01 2.14
CA VAL C 228 -15.77 4.06 3.23
C VAL C 228 -16.37 4.65 4.52
N ILE C 229 -16.04 5.90 4.82
CA ILE C 229 -16.56 6.56 6.02
C ILE C 229 -18.08 6.70 5.94
N ALA C 230 -18.58 7.07 4.78
CA ALA C 230 -20.02 7.20 4.55
C ALA C 230 -20.74 5.88 4.82
N ARG C 231 -20.28 4.80 4.19
CA ARG C 231 -20.88 3.49 4.36
C ARG C 231 -20.75 2.99 5.80
N HIS C 232 -19.62 3.26 6.43
CA HIS C 232 -19.40 2.87 7.83
C HIS C 232 -20.49 3.47 8.73
N CYS C 233 -20.89 4.71 8.48
CA CYS C 233 -21.92 5.37 9.30
C CYS C 233 -23.33 5.37 8.69
N GLY C 234 -23.54 4.61 7.62
CA GLY C 234 -24.87 4.35 7.09
C GLY C 234 -25.43 5.34 6.10
N ILE C 235 -24.57 6.16 5.50
CA ILE C 235 -25.01 7.08 4.46
C ILE C 235 -24.94 6.37 3.12
N GLN C 236 -26.01 6.47 2.32
CA GLN C 236 -26.03 5.93 0.97
C GLN C 236 -25.13 6.78 0.08
N VAL C 237 -24.47 6.14 -0.89
CA VAL C 237 -23.48 6.81 -1.72
C VAL C 237 -23.83 6.69 -3.21
N PHE C 238 -23.71 7.81 -3.91
CA PHE C 238 -23.70 7.85 -5.37
C PHE C 238 -22.45 8.60 -5.77
N ALA C 239 -21.61 7.98 -6.60
CA ALA C 239 -20.35 8.58 -7.03
C ALA C 239 -20.18 8.45 -8.53
N VAL C 240 -19.60 9.49 -9.15
CA VAL C 240 -19.39 9.52 -10.59
C VAL C 240 -18.00 10.07 -10.92
N SER C 241 -17.25 9.36 -11.75
CA SER C 241 -16.00 9.84 -12.32
C SER C 241 -16.26 10.48 -13.67
N LEU C 242 -15.75 11.69 -13.85
CA LEU C 242 -15.63 12.29 -15.16
C LEU C 242 -14.33 11.81 -15.76
N VAL C 243 -14.38 11.25 -16.96
CA VAL C 243 -13.18 10.78 -17.63
C VAL C 243 -12.44 11.99 -18.18
N THR C 244 -11.37 12.39 -17.51
CA THR C 244 -10.63 13.61 -17.86
C THR C 244 -9.37 13.32 -18.64
N ASN C 245 -8.98 12.04 -18.68
CA ASN C 245 -7.87 11.58 -19.49
C ASN C 245 -8.11 10.13 -19.88
N ILE C 246 -7.61 9.73 -21.05
CA ILE C 246 -7.68 8.34 -21.47
C ILE C 246 -6.31 7.77 -21.20
N SER C 247 -6.28 6.75 -20.34
CA SER C 247 -5.02 6.15 -19.91
C SER C 247 -4.24 5.64 -21.11
N VAL C 248 -2.96 5.94 -21.11
CA VAL C 248 -2.04 5.46 -22.12
C VAL C 248 -1.44 4.14 -21.60
N LEU C 249 -1.65 3.05 -22.35
CA LEU C 249 -1.22 1.71 -21.95
C LEU C 249 0.11 1.31 -22.60
N ASP C 250 0.62 2.16 -23.48
CA ASP C 250 1.76 1.85 -24.31
C ASP C 250 2.91 2.82 -24.02
N VAL C 251 4.09 2.28 -23.71
CA VAL C 251 5.24 3.11 -23.36
C VAL C 251 5.75 3.94 -24.54
N GLU C 252 5.56 3.44 -25.76
CA GLU C 252 6.06 4.11 -26.95
C GLU C 252 5.28 5.37 -27.29
N SER C 253 4.04 5.46 -26.80
CA SER C 253 3.17 6.60 -27.08
C SER C 253 3.71 7.91 -26.49
N ASP C 254 3.57 9.00 -27.24
CA ASP C 254 3.93 10.33 -26.78
C ASP C 254 2.75 11.07 -26.15
N LEU C 255 1.56 10.48 -26.26
CA LEU C 255 0.37 11.01 -25.60
C LEU C 255 0.56 10.91 -24.08
N LYS C 256 0.15 11.96 -23.36
CA LYS C 256 0.27 11.99 -21.91
C LYS C 256 -0.80 12.87 -21.27
N PRO C 257 -1.14 12.60 -20.01
CA PRO C 257 -2.12 13.43 -19.30
C PRO C 257 -1.57 14.82 -19.06
N ASN C 258 -2.38 15.83 -19.36
CA ASN C 258 -2.00 17.23 -19.27
C ASN C 258 -2.98 17.96 -18.36
N HIS C 259 -2.46 18.64 -17.35
CA HIS C 259 -3.31 19.19 -16.29
C HIS C 259 -4.34 20.18 -16.79
N GLU C 260 -3.94 21.08 -17.69
CA GLU C 260 -4.84 22.12 -18.18
C GLU C 260 -6.00 21.51 -18.97
N GLU C 261 -5.72 20.48 -19.74
CA GLU C 261 -6.75 19.75 -20.49
C GLU C 261 -7.66 18.95 -19.58
N VAL C 262 -7.12 18.42 -18.49
CA VAL C 262 -7.93 17.70 -17.51
C VAL C 262 -8.93 18.66 -16.87
N LEU C 263 -8.44 19.84 -16.49
CA LEU C 263 -9.29 20.87 -15.89
C LEU C 263 -10.30 21.37 -16.92
N ALA C 264 -9.87 21.49 -18.17
CA ALA C 264 -10.74 21.98 -19.24
C ALA C 264 -11.92 21.04 -19.47
N THR C 265 -11.66 19.74 -19.40
CA THR C 265 -12.68 18.73 -19.60
C THR C 265 -13.74 18.81 -18.51
N GLY C 266 -13.29 18.95 -17.25
CA GLY C 266 -14.18 19.19 -16.13
C GLY C 266 -15.08 20.40 -16.32
N ALA C 267 -14.48 21.51 -16.72
CA ALA C 267 -15.20 22.76 -16.90
C ALA C 267 -16.16 22.66 -18.08
N GLN C 268 -15.76 21.97 -19.14
CA GLN C 268 -16.63 21.79 -20.31
C GLN C 268 -17.89 21.01 -19.95
N ARG C 269 -17.72 20.02 -19.07
CA ARG C 269 -18.81 19.11 -18.73
C ARG C 269 -19.62 19.57 -17.52
N ALA C 270 -19.24 20.68 -16.91
CA ALA C 270 -19.79 21.12 -15.62
C ALA C 270 -21.28 21.38 -15.67
N GLU C 271 -21.73 22.08 -16.70
CA GLU C 271 -23.15 22.39 -16.85
C GLU C 271 -23.98 21.11 -16.92
N LEU C 272 -23.50 20.13 -17.68
CA LEU C 272 -24.21 18.87 -17.83
C LEU C 272 -24.19 18.03 -16.55
N MET C 273 -23.04 17.97 -15.90
CA MET C 273 -22.89 17.17 -14.69
C MET C 273 -23.78 17.71 -13.57
N GLN C 274 -23.77 19.02 -13.39
CA GLN C 274 -24.60 19.66 -12.39
C GLN C 274 -26.09 19.47 -12.68
N SER C 275 -26.47 19.62 -13.94
CA SER C 275 -27.85 19.38 -14.39
C SER C 275 -28.28 17.97 -14.06
N TRP C 276 -27.40 17.01 -14.33
CA TRP C 276 -27.65 15.61 -14.05
C TRP C 276 -27.88 15.36 -12.57
N PHE C 277 -26.99 15.89 -11.73
CA PHE C 277 -27.13 15.76 -10.28
C PHE C 277 -28.44 16.39 -9.81
N GLU C 278 -28.76 17.57 -10.34
CA GLU C 278 -29.99 18.27 -9.96
C GLU C 278 -31.22 17.45 -10.34
N LYS C 279 -31.18 16.84 -11.53
CA LYS C 279 -32.31 16.08 -12.03
C LYS C 279 -32.45 14.73 -11.31
N ILE C 280 -31.32 14.16 -10.86
CA ILE C 280 -31.36 12.99 -10.00
C ILE C 280 -32.05 13.36 -8.68
N ILE C 281 -31.61 14.46 -8.07
CA ILE C 281 -32.15 14.85 -6.76
C ILE C 281 -33.65 15.10 -6.85
N GLU C 282 -34.10 15.72 -7.93
CA GLU C 282 -35.53 16.06 -8.04
C GLU C 282 -36.40 14.81 -8.19
N LYS C 283 -35.79 13.69 -8.58
CA LYS C 283 -36.51 12.43 -8.76
C LYS C 283 -36.53 11.53 -7.51
N LEU C 284 -35.66 11.81 -6.53
CA LEU C 284 -35.61 11.02 -5.32
C LEU C 284 -36.94 11.10 -4.59
N PRO C 285 -37.42 9.98 -4.04
CA PRO C 285 -38.65 10.01 -3.23
C PRO C 285 -38.44 10.87 -2.00
N LYS C 286 -39.47 11.59 -1.56
CA LYS C 286 -39.34 12.47 -0.41
C LYS C 286 -40.61 12.60 0.39
N ASP C 287 -40.49 13.20 1.58
CA ASP C 287 -41.60 13.47 2.49
C ASP C 287 -41.91 12.20 3.28
#